data_2K58
#
_entry.id   2K58
#
_entity_poly.entity_id   1
_entity_poly.type   'polypeptide(L)'
_entity_poly.pdbx_seq_one_letter_code
;RRKPLFYTINLIIPCVLITSLAILVFYLPSDCGEK
;
_entity_poly.pdbx_strand_id   B
#
# COMPACT_ATOMS: atom_id res chain seq x y z
N ARG A 1 17.73 14.17 -6.38
CA ARG A 1 17.46 13.20 -5.28
C ARG A 1 18.08 13.69 -3.97
N ARG A 2 17.47 13.33 -2.84
CA ARG A 2 17.99 13.73 -1.53
C ARG A 2 19.00 12.69 -1.02
N LYS A 3 19.10 12.59 0.30
CA LYS A 3 20.01 11.63 0.94
C LYS A 3 19.49 10.20 0.78
N PRO A 4 20.39 9.19 0.82
CA PRO A 4 20.03 7.77 0.67
C PRO A 4 18.90 7.32 1.61
N LEU A 5 18.16 6.27 1.18
CA LEU A 5 17.04 5.71 1.94
C LEU A 5 15.86 6.70 2.02
N PHE A 6 14.89 6.49 1.12
CA PHE A 6 13.69 7.33 1.03
C PHE A 6 14.00 8.71 0.45
N TYR A 7 13.56 8.94 -0.78
CA TYR A 7 13.77 10.21 -1.47
C TYR A 7 12.74 11.28 -1.04
N THR A 8 12.16 12.01 -1.99
CA THR A 8 11.17 13.04 -1.66
C THR A 8 9.88 12.40 -1.12
N ILE A 9 9.38 12.95 -0.01
CA ILE A 9 8.17 12.43 0.63
C ILE A 9 6.87 12.83 -0.11
N ASN A 10 6.76 12.47 -1.38
CA ASN A 10 5.57 12.78 -2.17
C ASN A 10 4.42 11.83 -1.82
N LEU A 11 4.00 11.86 -0.55
CA LEU A 11 2.92 11.01 -0.05
C LEU A 11 3.25 9.52 -0.24
N ILE A 12 4.53 9.20 -0.08
CA ILE A 12 5.01 7.82 -0.23
C ILE A 12 4.49 6.91 0.88
N ILE A 13 4.46 7.41 2.12
CA ILE A 13 3.98 6.62 3.26
C ILE A 13 2.55 6.11 3.04
N PRO A 14 1.54 7.00 2.88
CA PRO A 14 0.15 6.58 2.64
C PRO A 14 0.05 5.66 1.42
N CYS A 15 0.79 5.98 0.36
CA CYS A 15 0.79 5.16 -0.86
C CYS A 15 1.24 3.73 -0.56
N VAL A 16 2.35 3.60 0.18
CA VAL A 16 2.87 2.30 0.57
C VAL A 16 1.88 1.55 1.47
N LEU A 17 1.36 2.25 2.47
CA LEU A 17 0.39 1.65 3.40
C LEU A 17 -0.86 1.16 2.64
N ILE A 18 -1.44 2.03 1.81
CA ILE A 18 -2.62 1.66 1.03
C ILE A 18 -2.30 0.48 0.11
N THR A 19 -1.15 0.53 -0.56
CA THR A 19 -0.73 -0.55 -1.45
C THR A 19 -0.59 -1.86 -0.67
N SER A 20 0.06 -1.77 0.49
CA SER A 20 0.26 -2.94 1.35
C SER A 20 -1.08 -3.55 1.77
N LEU A 21 -1.99 -2.71 2.26
CA LEU A 21 -3.31 -3.18 2.68
C LEU A 21 -4.06 -3.80 1.49
N ALA A 22 -4.02 -3.11 0.34
CA ALA A 22 -4.68 -3.62 -0.86
C ALA A 22 -4.15 -5.00 -1.23
N ILE A 23 -2.84 -5.09 -1.46
CA ILE A 23 -2.23 -6.39 -1.81
C ILE A 23 -2.55 -7.45 -0.74
N LEU A 24 -2.52 -7.05 0.52
CA LEU A 24 -2.85 -7.98 1.61
C LEU A 24 -4.25 -8.57 1.43
N VAL A 25 -5.22 -7.71 1.10
CA VAL A 25 -6.60 -8.15 0.87
C VAL A 25 -6.77 -8.76 -0.53
N PHE A 26 -6.23 -8.06 -1.52
CA PHE A 26 -6.29 -8.45 -2.93
C PHE A 26 -5.61 -9.79 -3.22
N TYR A 27 -4.35 -9.92 -2.80
CA TYR A 27 -3.58 -11.14 -3.03
C TYR A 27 -3.91 -12.20 -1.98
N LEU A 28 -4.12 -11.76 -0.73
CA LEU A 28 -4.44 -12.64 0.39
C LEU A 28 -3.34 -13.70 0.61
N PRO A 29 -2.15 -13.29 1.05
CA PRO A 29 -1.01 -14.21 1.30
C PRO A 29 -1.22 -15.10 2.53
N SER A 30 -2.32 -15.84 2.57
CA SER A 30 -2.62 -16.73 3.68
C SER A 30 -1.83 -18.04 3.58
N ASP A 31 -1.46 -18.60 4.73
CA ASP A 31 -0.70 -19.86 4.80
C ASP A 31 -1.57 -21.06 4.42
N CYS A 32 -2.11 -21.05 3.21
CA CYS A 32 -2.97 -22.12 2.72
C CYS A 32 -3.00 -22.12 1.19
N GLY A 33 -2.89 -23.30 0.60
CA GLY A 33 -2.88 -23.41 -0.86
C GLY A 33 -4.22 -23.72 -1.51
N GLU A 34 -5.28 -23.04 -1.11
CA GLU A 34 -6.60 -23.28 -1.73
C GLU A 34 -6.75 -22.40 -2.97
N LYS A 35 -6.16 -21.22 -2.92
CA LYS A 35 -6.22 -20.25 -4.02
C LYS A 35 -5.30 -20.67 -5.18
N ARG A 1 17.64 -1.40 -3.06
CA ARG A 1 17.73 -0.43 -1.94
C ARG A 1 16.61 -0.65 -0.92
N ARG A 2 16.95 -0.54 0.37
CA ARG A 2 15.96 -0.71 1.44
C ARG A 2 15.00 0.46 1.48
N LYS A 3 13.71 0.18 1.64
CA LYS A 3 12.70 1.22 1.70
C LYS A 3 12.86 2.05 2.97
N PRO A 4 12.70 3.39 2.86
CA PRO A 4 12.85 4.28 4.01
C PRO A 4 11.85 3.98 5.13
N LEU A 5 12.36 3.75 6.33
CA LEU A 5 11.52 3.45 7.50
C LEU A 5 10.82 4.71 8.00
N PHE A 6 10.02 5.31 7.12
CA PHE A 6 9.29 6.55 7.43
C PHE A 6 10.25 7.72 7.66
N TYR A 7 11.23 7.85 6.76
CA TYR A 7 12.23 8.91 6.85
C TYR A 7 11.62 10.31 6.72
N THR A 8 10.59 10.44 5.89
CA THR A 8 9.95 11.72 5.68
C THR A 8 8.46 11.57 5.36
N ILE A 9 7.63 12.39 6.01
CA ILE A 9 6.19 12.35 5.83
C ILE A 9 5.77 13.08 4.54
N ASN A 10 5.04 12.37 3.69
CA ASN A 10 4.54 12.92 2.42
C ASN A 10 3.60 11.91 1.73
N LEU A 11 3.66 11.84 0.41
CA LEU A 11 2.79 10.93 -0.35
C LEU A 11 3.28 9.47 -0.34
N ILE A 12 4.57 9.25 -0.12
CA ILE A 12 5.11 7.88 -0.13
C ILE A 12 4.51 6.98 0.98
N ILE A 13 4.36 7.52 2.19
CA ILE A 13 3.83 6.75 3.31
C ILE A 13 2.40 6.23 3.04
N PRO A 14 1.41 7.12 2.80
CA PRO A 14 0.04 6.67 2.50
C PRO A 14 0.00 5.71 1.32
N CYS A 15 0.82 5.98 0.31
CA CYS A 15 0.90 5.12 -0.88
C CYS A 15 1.34 3.70 -0.51
N VAL A 16 2.45 3.57 0.21
CA VAL A 16 2.94 2.25 0.59
C VAL A 16 1.97 1.53 1.54
N LEU A 17 1.35 2.24 2.49
CA LEU A 17 0.42 1.57 3.40
C LEU A 17 -0.86 1.14 2.68
N ILE A 18 -1.44 1.99 1.82
CA ILE A 18 -2.64 1.61 1.09
C ILE A 18 -2.33 0.48 0.11
N THR A 19 -1.15 0.53 -0.53
CA THR A 19 -0.74 -0.51 -1.46
C THR A 19 -0.56 -1.83 -0.72
N SER A 20 0.14 -1.80 0.41
CA SER A 20 0.35 -2.99 1.22
C SER A 20 -0.97 -3.60 1.66
N LEU A 21 -1.85 -2.77 2.24
CA LEU A 21 -3.16 -3.23 2.69
C LEU A 21 -3.95 -3.83 1.52
N ALA A 22 -3.93 -3.13 0.38
CA ALA A 22 -4.64 -3.62 -0.81
C ALA A 22 -4.15 -5.01 -1.20
N ILE A 23 -2.86 -5.15 -1.44
CA ILE A 23 -2.28 -6.46 -1.81
C ILE A 23 -2.60 -7.53 -0.75
N LEU A 24 -2.55 -7.16 0.53
CA LEU A 24 -2.88 -8.10 1.60
C LEU A 24 -4.31 -8.62 1.43
N VAL A 25 -5.23 -7.71 1.10
CA VAL A 25 -6.64 -8.09 0.89
C VAL A 25 -6.86 -8.68 -0.51
N PHE A 26 -6.29 -8.01 -1.51
CA PHE A 26 -6.39 -8.38 -2.93
C PHE A 26 -5.78 -9.74 -3.24
N TYR A 27 -4.48 -9.88 -2.99
CA TYR A 27 -3.76 -11.12 -3.24
C TYR A 27 -4.11 -12.18 -2.19
N LEU A 28 -4.38 -11.71 -0.98
CA LEU A 28 -4.73 -12.58 0.15
C LEU A 28 -3.62 -13.58 0.47
N PRO A 29 -2.42 -13.08 0.85
CA PRO A 29 -1.29 -13.94 1.19
C PRO A 29 -1.33 -14.36 2.66
N SER A 30 -2.52 -14.70 3.14
CA SER A 30 -2.71 -15.14 4.52
C SER A 30 -2.59 -16.65 4.65
N ASP A 31 -1.57 -17.22 4.00
CA ASP A 31 -1.33 -18.66 4.05
C ASP A 31 -0.86 -19.11 5.44
N CYS A 32 0.12 -18.41 5.99
CA CYS A 32 0.66 -18.73 7.31
C CYS A 32 -0.39 -18.53 8.40
N GLY A 33 -1.34 -17.64 8.13
CA GLY A 33 -2.40 -17.36 9.09
C GLY A 33 -3.50 -16.50 8.50
N GLU A 34 -4.75 -16.97 8.62
CA GLU A 34 -5.91 -16.26 8.09
C GLU A 34 -6.30 -15.05 8.93
N LYS A 35 -5.40 -14.06 8.99
CA LYS A 35 -5.65 -12.82 9.74
C LYS A 35 -5.95 -13.10 11.22
N ARG A 1 -1.89 31.98 -3.88
CA ARG A 1 -0.44 32.27 -3.71
C ARG A 1 0.15 31.44 -2.58
N ARG A 2 1.27 30.76 -2.87
CA ARG A 2 1.96 29.91 -1.87
C ARG A 2 1.03 28.83 -1.30
N LYS A 3 1.24 28.49 -0.05
CA LYS A 3 0.42 27.48 0.63
C LYS A 3 0.72 27.46 2.14
N PRO A 4 -0.30 27.16 2.97
CA PRO A 4 -0.14 27.12 4.43
C PRO A 4 0.67 25.90 4.90
N LEU A 5 0.25 25.30 6.01
CA LEU A 5 0.93 24.13 6.56
C LEU A 5 0.68 22.85 5.73
N PHE A 6 0.75 22.99 4.41
CA PHE A 6 0.56 21.86 3.50
C PHE A 6 1.87 21.11 3.25
N TYR A 7 2.52 20.70 4.34
CA TYR A 7 3.78 19.97 4.25
C TYR A 7 3.57 18.48 3.97
N THR A 8 2.52 18.16 3.23
CA THR A 8 2.19 16.77 2.88
C THR A 8 3.06 16.25 1.74
N ILE A 9 4.38 16.29 1.93
CA ILE A 9 5.33 15.83 0.90
C ILE A 9 5.54 14.31 0.95
N ASN A 10 5.47 13.72 2.14
CA ASN A 10 5.67 12.27 2.32
C ASN A 10 4.51 11.43 1.75
N LEU A 11 4.21 11.61 0.47
CA LEU A 11 3.12 10.87 -0.20
C LEU A 11 3.42 9.36 -0.27
N ILE A 12 4.71 9.01 -0.16
CA ILE A 12 5.14 7.62 -0.20
C ILE A 12 4.54 6.80 0.95
N ILE A 13 4.38 7.42 2.12
CA ILE A 13 3.83 6.72 3.29
C ILE A 13 2.38 6.23 3.04
N PRO A 14 1.40 7.15 2.79
CA PRO A 14 0.02 6.75 2.53
C PRO A 14 -0.06 5.76 1.35
N CYS A 15 0.74 6.02 0.32
CA CYS A 15 0.80 5.15 -0.85
C CYS A 15 1.27 3.74 -0.48
N VAL A 16 2.37 3.64 0.26
CA VAL A 16 2.91 2.33 0.64
C VAL A 16 1.94 1.57 1.57
N LEU A 17 1.28 2.26 2.51
CA LEU A 17 0.35 1.57 3.40
C LEU A 17 -0.91 1.13 2.65
N ILE A 18 -1.48 1.98 1.79
CA ILE A 18 -2.67 1.59 1.03
C ILE A 18 -2.33 0.46 0.06
N THR A 19 -1.12 0.52 -0.53
CA THR A 19 -0.68 -0.53 -1.45
C THR A 19 -0.50 -1.84 -0.71
N SER A 20 0.15 -1.79 0.45
CA SER A 20 0.37 -2.98 1.29
C SER A 20 -0.96 -3.60 1.71
N LEU A 21 -1.85 -2.78 2.27
CA LEU A 21 -3.16 -3.26 2.71
C LEU A 21 -3.94 -3.83 1.54
N ALA A 22 -3.96 -3.12 0.40
CA ALA A 22 -4.66 -3.60 -0.78
C ALA A 22 -4.15 -4.96 -1.19
N ILE A 23 -2.86 -5.08 -1.47
CA ILE A 23 -2.27 -6.37 -1.85
C ILE A 23 -2.57 -7.44 -0.80
N LEU A 24 -2.51 -7.07 0.49
CA LEU A 24 -2.82 -8.01 1.57
C LEU A 24 -4.22 -8.60 1.39
N VAL A 25 -5.20 -7.74 1.13
CA VAL A 25 -6.58 -8.18 0.92
C VAL A 25 -6.81 -8.73 -0.51
N PHE A 26 -6.27 -8.01 -1.47
CA PHE A 26 -6.41 -8.33 -2.89
C PHE A 26 -5.74 -9.65 -3.30
N TYR A 27 -4.51 -9.87 -2.85
CA TYR A 27 -3.76 -11.07 -3.21
C TYR A 27 -4.18 -12.31 -2.41
N LEU A 28 -4.40 -12.15 -1.11
CA LEU A 28 -4.80 -13.29 -0.26
C LEU A 28 -6.30 -13.57 -0.34
N PRO A 29 -6.68 -14.75 -0.85
CA PRO A 29 -8.09 -15.14 -0.98
C PRO A 29 -8.67 -15.74 0.32
N SER A 30 -8.47 -15.04 1.43
CA SER A 30 -8.96 -15.49 2.73
C SER A 30 -10.45 -15.21 2.91
N ASP A 31 -10.86 -13.99 2.55
CA ASP A 31 -12.25 -13.56 2.69
C ASP A 31 -12.55 -12.36 1.77
N CYS A 32 -13.00 -11.24 2.34
CA CYS A 32 -13.31 -10.05 1.55
C CYS A 32 -13.37 -8.78 2.42
N GLY A 33 -12.67 -8.80 3.55
CA GLY A 33 -12.65 -7.64 4.44
C GLY A 33 -11.76 -6.51 3.93
N GLU A 34 -12.09 -5.99 2.75
CA GLU A 34 -11.32 -4.92 2.13
C GLU A 34 -11.50 -3.56 2.84
N LYS A 35 -10.40 -2.81 2.91
CA LYS A 35 -10.38 -1.48 3.53
C LYS A 35 -10.69 -1.54 5.04
N ARG A 1 3.17 10.83 15.37
CA ARG A 1 4.64 11.04 15.50
C ARG A 1 4.96 12.41 16.09
N ARG A 2 5.96 12.47 16.96
CA ARG A 2 6.35 13.74 17.59
C ARG A 2 7.23 14.59 16.66
N LYS A 3 6.90 15.87 16.56
CA LYS A 3 7.64 16.81 15.73
C LYS A 3 7.18 18.24 16.01
N PRO A 4 8.12 19.16 16.30
CA PRO A 4 7.82 20.57 16.62
C PRO A 4 7.25 21.37 15.43
N LEU A 5 6.19 20.85 14.81
CA LEU A 5 5.53 21.52 13.68
C LEU A 5 6.51 21.87 12.55
N PHE A 6 7.36 20.92 12.19
CA PHE A 6 8.34 21.13 11.13
C PHE A 6 8.58 19.85 10.33
N TYR A 7 7.49 19.22 9.90
CA TYR A 7 7.55 18.00 9.11
C TYR A 7 6.16 17.58 8.63
N THR A 8 5.96 17.61 7.32
CA THR A 8 4.67 17.25 6.72
C THR A 8 4.57 15.73 6.47
N ILE A 9 3.48 15.31 5.84
CA ILE A 9 3.28 13.91 5.54
C ILE A 9 3.82 13.54 4.15
N ASN A 10 4.74 12.59 4.10
CA ASN A 10 5.32 12.16 2.83
C ASN A 10 4.31 11.34 2.03
N LEU A 11 4.12 11.70 0.76
CA LEU A 11 3.17 10.99 -0.13
C LEU A 11 3.45 9.48 -0.21
N ILE A 12 4.71 9.10 -0.10
CA ILE A 12 5.10 7.69 -0.16
C ILE A 12 4.50 6.86 0.98
N ILE A 13 4.33 7.46 2.16
CA ILE A 13 3.78 6.74 3.32
C ILE A 13 2.36 6.21 3.05
N PRO A 14 1.35 7.08 2.82
CA PRO A 14 -0.02 6.62 2.53
C PRO A 14 -0.05 5.67 1.34
N CYS A 15 0.78 5.96 0.34
CA CYS A 15 0.86 5.12 -0.87
C CYS A 15 1.31 3.70 -0.53
N VAL A 16 2.43 3.54 0.18
CA VAL A 16 2.92 2.21 0.54
C VAL A 16 1.95 1.50 1.49
N LEU A 17 1.39 2.23 2.46
CA LEU A 17 0.43 1.63 3.40
C LEU A 17 -0.82 1.13 2.67
N ILE A 18 -1.43 1.99 1.86
CA ILE A 18 -2.63 1.62 1.11
C ILE A 18 -2.32 0.46 0.15
N THR A 19 -1.20 0.55 -0.56
CA THR A 19 -0.79 -0.51 -1.50
C THR A 19 -0.61 -1.83 -0.76
N SER A 20 0.10 -1.80 0.38
CA SER A 20 0.33 -2.99 1.18
C SER A 20 -0.99 -3.59 1.65
N LEU A 21 -1.85 -2.75 2.24
CA LEU A 21 -3.16 -3.21 2.71
C LEU A 21 -3.97 -3.80 1.56
N ALA A 22 -3.98 -3.11 0.41
CA ALA A 22 -4.71 -3.59 -0.75
C ALA A 22 -4.18 -4.95 -1.17
N ILE A 23 -2.88 -5.04 -1.42
CA ILE A 23 -2.26 -6.32 -1.82
C ILE A 23 -2.60 -7.44 -0.81
N LEU A 24 -2.56 -7.11 0.47
CA LEU A 24 -2.88 -8.06 1.53
C LEU A 24 -4.31 -8.60 1.35
N VAL A 25 -5.26 -7.69 1.13
CA VAL A 25 -6.66 -8.05 0.92
C VAL A 25 -6.88 -8.62 -0.50
N PHE A 26 -6.17 -8.04 -1.45
CA PHE A 26 -6.23 -8.41 -2.85
C PHE A 26 -5.40 -9.67 -3.14
N TYR A 27 -4.60 -9.56 -4.20
CA TYR A 27 -3.69 -10.63 -4.66
C TYR A 27 -4.24 -12.04 -4.45
N LEU A 28 -5.50 -12.25 -4.84
CA LEU A 28 -6.14 -13.55 -4.69
C LEU A 28 -5.47 -14.60 -5.57
N PRO A 29 -5.08 -15.74 -4.99
CA PRO A 29 -4.42 -16.84 -5.73
C PRO A 29 -5.39 -17.60 -6.65
N SER A 30 -6.21 -16.87 -7.40
CA SER A 30 -7.17 -17.48 -8.32
C SER A 30 -6.48 -17.89 -9.63
N ASP A 31 -5.43 -18.69 -9.51
CA ASP A 31 -4.67 -19.16 -10.67
C ASP A 31 -5.43 -20.27 -11.42
N CYS A 32 -6.66 -19.98 -11.81
CA CYS A 32 -7.49 -20.95 -12.52
C CYS A 32 -8.10 -20.31 -13.78
N GLY A 33 -7.91 -20.99 -14.91
CA GLY A 33 -8.43 -20.49 -16.17
C GLY A 33 -7.91 -21.28 -17.35
N GLU A 34 -7.45 -20.59 -18.39
CA GLU A 34 -6.91 -21.23 -19.58
C GLU A 34 -5.50 -21.78 -19.34
N LYS A 35 -5.32 -22.48 -18.22
CA LYS A 35 -4.02 -23.06 -17.84
C LYS A 35 -4.15 -23.99 -16.63
N ARG A 1 4.67 26.52 3.26
CA ARG A 1 3.24 26.75 2.90
C ARG A 1 2.81 25.83 1.76
N ARG A 2 1.60 25.25 1.89
CA ARG A 2 1.06 24.32 0.89
C ARG A 2 2.03 23.14 0.64
N LYS A 3 2.33 22.42 1.71
CA LYS A 3 3.23 21.27 1.63
C LYS A 3 2.85 20.21 2.67
N PRO A 4 2.75 18.93 2.25
CA PRO A 4 2.41 17.83 3.15
C PRO A 4 3.48 17.62 4.23
N LEU A 5 3.07 17.77 5.48
CA LEU A 5 3.98 17.63 6.63
C LEU A 5 5.22 18.53 6.48
N PHE A 6 5.01 19.72 5.87
CA PHE A 6 6.07 20.71 5.61
C PHE A 6 7.37 20.07 5.08
N TYR A 7 7.22 19.08 4.20
CA TYR A 7 8.37 18.38 3.63
C TYR A 7 8.08 17.98 2.17
N THR A 8 9.14 17.89 1.37
CA THR A 8 9.03 17.52 -0.05
C THR A 8 8.74 16.02 -0.23
N ILE A 9 7.75 15.52 0.49
CA ILE A 9 7.38 14.11 0.40
C ILE A 9 6.20 13.89 -0.55
N ASN A 10 6.39 13.03 -1.55
CA ASN A 10 5.34 12.75 -2.53
C ASN A 10 4.33 11.70 -2.02
N LEU A 11 3.92 11.87 -0.75
CA LEU A 11 2.94 10.98 -0.09
C LEU A 11 3.31 9.50 -0.23
N ILE A 12 4.58 9.18 0.01
CA ILE A 12 5.05 7.79 -0.09
C ILE A 12 4.47 6.89 1.01
N ILE A 13 4.38 7.41 2.24
CA ILE A 13 3.84 6.65 3.37
C ILE A 13 2.42 6.13 3.10
N PRO A 14 1.42 7.03 2.87
CA PRO A 14 0.05 6.61 2.58
C PRO A 14 -0.01 5.68 1.37
N CYS A 15 0.78 6.00 0.34
CA CYS A 15 0.84 5.19 -0.88
C CYS A 15 1.27 3.74 -0.59
N VAL A 16 2.40 3.58 0.10
CA VAL A 16 2.90 2.23 0.43
C VAL A 16 1.95 1.52 1.39
N LEU A 17 1.42 2.24 2.38
CA LEU A 17 0.48 1.65 3.33
C LEU A 17 -0.77 1.15 2.63
N ILE A 18 -1.39 2.02 1.82
CA ILE A 18 -2.59 1.64 1.06
C ILE A 18 -2.29 0.46 0.12
N THR A 19 -1.15 0.54 -0.58
CA THR A 19 -0.73 -0.52 -1.49
C THR A 19 -0.57 -1.84 -0.74
N SER A 20 0.09 -1.78 0.44
CA SER A 20 0.30 -2.96 1.27
C SER A 20 -1.04 -3.57 1.70
N LEU A 21 -1.93 -2.74 2.23
CA LEU A 21 -3.25 -3.18 2.66
C LEU A 21 -4.02 -3.79 1.49
N ALA A 22 -3.99 -3.11 0.34
CA ALA A 22 -4.67 -3.61 -0.84
C ALA A 22 -4.16 -4.98 -1.23
N ILE A 23 -2.86 -5.11 -1.47
CA ILE A 23 -2.27 -6.42 -1.82
C ILE A 23 -2.55 -7.46 -0.73
N LEU A 24 -2.56 -7.04 0.53
CA LEU A 24 -2.85 -7.96 1.63
C LEU A 24 -4.27 -8.54 1.45
N VAL A 25 -5.23 -7.67 1.13
CA VAL A 25 -6.62 -8.10 0.92
C VAL A 25 -6.80 -8.73 -0.47
N PHE A 26 -6.24 -8.06 -1.47
CA PHE A 26 -6.31 -8.47 -2.88
C PHE A 26 -5.62 -9.82 -3.13
N TYR A 27 -4.40 -9.94 -2.65
CA TYR A 27 -3.63 -11.18 -2.81
C TYR A 27 -3.79 -12.08 -1.60
N LEU A 28 -5.01 -12.14 -1.06
CA LEU A 28 -5.29 -12.96 0.12
C LEU A 28 -5.14 -14.46 -0.19
N PRO A 29 -4.57 -15.22 0.77
CA PRO A 29 -4.34 -16.67 0.63
C PRO A 29 -5.64 -17.48 0.59
N SER A 30 -6.40 -17.33 -0.49
CA SER A 30 -7.66 -18.05 -0.65
C SER A 30 -7.44 -19.56 -0.80
N ASP A 31 -7.96 -20.33 0.15
CA ASP A 31 -7.80 -21.79 0.10
C ASP A 31 -8.77 -22.49 1.06
N CYS A 32 -9.75 -23.20 0.50
CA CYS A 32 -10.75 -23.93 1.30
C CYS A 32 -11.64 -24.79 0.42
N GLY A 33 -12.04 -24.26 -0.72
CA GLY A 33 -12.90 -24.98 -1.65
C GLY A 33 -13.44 -24.09 -2.74
N GLU A 34 -12.61 -23.15 -3.19
CA GLU A 34 -12.99 -22.20 -4.23
C GLU A 34 -12.29 -22.50 -5.56
N LYS A 35 -11.00 -22.84 -5.47
CA LYS A 35 -10.21 -23.14 -6.66
C LYS A 35 -10.49 -24.56 -7.19
N ARG A 1 11.59 27.68 11.69
CA ARG A 1 11.68 27.77 10.20
C ARG A 1 10.71 26.82 9.52
N ARG A 2 10.41 27.08 8.25
CA ARG A 2 9.50 26.24 7.49
C ARG A 2 10.19 24.93 7.05
N LYS A 3 9.46 23.83 7.14
CA LYS A 3 9.99 22.51 6.77
C LYS A 3 10.25 22.43 5.26
N PRO A 4 11.49 22.04 4.87
CA PRO A 4 11.88 21.92 3.46
C PRO A 4 11.27 20.70 2.74
N LEU A 5 9.95 20.57 2.81
CA LEU A 5 9.27 19.44 2.16
C LEU A 5 9.09 19.65 0.64
N PHE A 6 10.16 20.07 -0.03
CA PHE A 6 10.13 20.29 -1.48
C PHE A 6 10.22 18.97 -2.27
N TYR A 7 9.50 17.96 -1.80
CA TYR A 7 9.49 16.65 -2.43
C TYR A 7 8.30 15.82 -1.93
N THR A 8 7.71 15.04 -2.82
CA THR A 8 6.57 14.19 -2.48
C THR A 8 6.97 12.97 -1.65
N ILE A 9 7.86 13.16 -0.69
CA ILE A 9 8.32 12.08 0.19
C ILE A 9 7.21 11.67 1.17
N ASN A 10 6.43 12.65 1.61
CA ASN A 10 5.34 12.41 2.55
C ASN A 10 4.25 11.54 1.92
N LEU A 11 4.00 11.74 0.62
CA LEU A 11 2.98 10.97 -0.11
C LEU A 11 3.33 9.48 -0.22
N ILE A 12 4.62 9.16 -0.09
CA ILE A 12 5.09 7.79 -0.17
C ILE A 12 4.48 6.91 0.94
N ILE A 13 4.42 7.45 2.16
CA ILE A 13 3.86 6.71 3.31
C ILE A 13 2.43 6.20 3.04
N PRO A 14 1.45 7.11 2.83
CA PRO A 14 0.05 6.69 2.55
C PRO A 14 -0.01 5.73 1.36
N CYS A 15 0.79 6.01 0.34
CA CYS A 15 0.85 5.17 -0.86
C CYS A 15 1.28 3.74 -0.52
N VAL A 16 2.40 3.58 0.20
CA VAL A 16 2.88 2.26 0.55
C VAL A 16 1.93 1.52 1.50
N LEU A 17 1.32 2.22 2.48
CA LEU A 17 0.41 1.54 3.39
C LEU A 17 -0.87 1.12 2.68
N ILE A 18 -1.45 1.98 1.81
CA ILE A 18 -2.65 1.60 1.08
C ILE A 18 -2.34 0.47 0.10
N THR A 19 -1.15 0.52 -0.51
CA THR A 19 -0.72 -0.53 -1.44
C THR A 19 -0.56 -1.85 -0.70
N SER A 20 0.14 -1.80 0.45
CA SER A 20 0.36 -2.99 1.27
C SER A 20 -0.98 -3.60 1.70
N LEU A 21 -1.88 -2.76 2.24
CA LEU A 21 -3.19 -3.22 2.67
C LEU A 21 -3.98 -3.81 1.49
N ALA A 22 -3.96 -3.11 0.35
CA ALA A 22 -4.67 -3.60 -0.83
C ALA A 22 -4.15 -4.97 -1.23
N ILE A 23 -2.86 -5.10 -1.47
CA ILE A 23 -2.26 -6.39 -1.84
C ILE A 23 -2.56 -7.45 -0.78
N LEU A 24 -2.55 -7.07 0.50
CA LEU A 24 -2.86 -8.01 1.59
C LEU A 24 -4.28 -8.57 1.40
N VAL A 25 -5.24 -7.68 1.12
CA VAL A 25 -6.63 -8.08 0.89
C VAL A 25 -6.83 -8.71 -0.49
N PHE A 26 -6.26 -8.04 -1.50
CA PHE A 26 -6.34 -8.45 -2.90
C PHE A 26 -5.66 -9.80 -3.16
N TYR A 27 -4.43 -9.94 -2.69
CA TYR A 27 -3.66 -11.17 -2.87
C TYR A 27 -3.85 -12.09 -1.67
N LEU A 28 -5.08 -12.19 -1.17
CA LEU A 28 -5.38 -13.04 -0.02
C LEU A 28 -5.31 -14.52 -0.38
N PRO A 29 -4.92 -15.38 0.60
CA PRO A 29 -4.79 -16.83 0.39
C PRO A 29 -6.13 -17.53 0.13
N SER A 30 -6.72 -17.23 -1.03
CA SER A 30 -8.02 -17.81 -1.41
C SER A 30 -7.86 -19.30 -1.75
N ASP A 31 -6.90 -19.60 -2.62
CA ASP A 31 -6.61 -20.97 -3.04
C ASP A 31 -7.85 -21.68 -3.62
N CYS A 32 -8.18 -22.84 -3.07
CA CYS A 32 -9.33 -23.62 -3.55
C CYS A 32 -10.67 -22.94 -3.19
N GLY A 33 -11.58 -22.89 -4.17
CA GLY A 33 -12.88 -22.28 -3.94
C GLY A 33 -12.87 -20.77 -4.10
N GLU A 34 -13.79 -20.26 -4.92
CA GLU A 34 -13.91 -18.82 -5.19
C GLU A 34 -14.43 -18.05 -3.95
N LYS A 35 -13.57 -17.93 -2.95
CA LYS A 35 -13.91 -17.23 -1.70
C LYS A 35 -12.66 -16.79 -0.96
N ARG A 1 -0.10 23.28 17.75
CA ARG A 1 -0.25 22.41 16.55
C ARG A 1 0.86 21.35 16.51
N ARG A 2 1.19 20.86 15.32
CA ARG A 2 2.23 19.83 15.17
C ARG A 2 2.78 19.80 13.74
N LYS A 3 3.03 20.98 13.17
CA LYS A 3 3.54 21.11 11.80
C LYS A 3 2.54 20.55 10.78
N PRO A 4 1.48 21.32 10.46
CA PRO A 4 0.43 20.92 9.50
C PRO A 4 0.94 20.90 8.06
N LEU A 5 1.81 19.93 7.77
CA LEU A 5 2.43 19.76 6.45
C LEU A 5 3.43 20.88 6.17
N PHE A 6 3.96 21.47 7.24
CA PHE A 6 4.96 22.54 7.13
C PHE A 6 6.36 21.95 6.91
N TYR A 7 6.45 21.06 5.93
CA TYR A 7 7.69 20.38 5.57
C TYR A 7 7.42 19.47 4.37
N THR A 8 7.83 18.21 4.46
CA THR A 8 7.61 17.26 3.37
C THR A 8 6.20 16.66 3.46
N ILE A 9 5.55 16.52 2.31
CA ILE A 9 4.19 15.95 2.27
C ILE A 9 4.21 14.46 2.64
N ASN A 10 5.26 13.76 2.18
CA ASN A 10 5.44 12.33 2.44
C ASN A 10 4.31 11.48 1.84
N LEU A 11 4.02 11.70 0.56
CA LEU A 11 2.96 10.94 -0.14
C LEU A 11 3.30 9.45 -0.23
N ILE A 12 4.60 9.13 -0.12
CA ILE A 12 5.07 7.77 -0.19
C ILE A 12 4.49 6.90 0.94
N ILE A 13 4.43 7.43 2.17
CA ILE A 13 3.91 6.68 3.30
C ILE A 13 2.48 6.15 3.06
N PRO A 14 1.47 7.04 2.86
CA PRO A 14 0.09 6.61 2.59
C PRO A 14 0.01 5.68 1.39
N CYS A 15 0.79 5.98 0.35
CA CYS A 15 0.82 5.15 -0.86
C CYS A 15 1.26 3.72 -0.53
N VAL A 16 2.33 3.59 0.25
CA VAL A 16 2.85 2.30 0.65
C VAL A 16 1.84 1.55 1.52
N LEU A 17 1.29 2.25 2.52
CA LEU A 17 0.29 1.63 3.41
C LEU A 17 -0.92 1.15 2.63
N ILE A 18 -1.47 2.01 1.77
CA ILE A 18 -2.63 1.64 0.95
C ILE A 18 -2.29 0.46 0.03
N THR A 19 -1.13 0.52 -0.61
CA THR A 19 -0.69 -0.56 -1.50
C THR A 19 -0.53 -1.87 -0.73
N SER A 20 0.13 -1.80 0.43
CA SER A 20 0.35 -2.96 1.29
C SER A 20 -0.98 -3.58 1.72
N LEU A 21 -1.89 -2.74 2.25
CA LEU A 21 -3.20 -3.21 2.69
C LEU A 21 -3.98 -3.81 1.51
N ALA A 22 -3.96 -3.12 0.36
CA ALA A 22 -4.65 -3.60 -0.83
C ALA A 22 -4.15 -4.99 -1.21
N ILE A 23 -2.85 -5.10 -1.50
CA ILE A 23 -2.27 -6.41 -1.86
C ILE A 23 -2.56 -7.45 -0.78
N LEU A 24 -2.50 -7.06 0.49
CA LEU A 24 -2.81 -7.98 1.59
C LEU A 24 -4.22 -8.56 1.44
N VAL A 25 -5.19 -7.70 1.13
CA VAL A 25 -6.59 -8.13 0.94
C VAL A 25 -6.81 -8.71 -0.46
N PHE A 26 -6.26 -8.03 -1.45
CA PHE A 26 -6.38 -8.38 -2.87
C PHE A 26 -5.73 -9.72 -3.22
N TYR A 27 -4.51 -9.93 -2.76
CA TYR A 27 -3.76 -11.16 -3.06
C TYR A 27 -4.08 -12.28 -2.06
N LEU A 28 -3.99 -12.00 -0.77
CA LEU A 28 -4.26 -13.01 0.26
C LEU A 28 -5.77 -13.13 0.53
N PRO A 29 -6.29 -14.36 0.63
CA PRO A 29 -7.72 -14.61 0.91
C PRO A 29 -8.14 -14.25 2.34
N SER A 30 -7.84 -13.01 2.74
CA SER A 30 -8.18 -12.50 4.08
C SER A 30 -7.60 -13.38 5.20
N ASP A 31 -8.45 -13.85 6.10
CA ASP A 31 -8.03 -14.68 7.22
C ASP A 31 -9.05 -15.78 7.51
N CYS A 32 -10.32 -15.39 7.61
CA CYS A 32 -11.41 -16.32 7.90
C CYS A 32 -11.59 -17.36 6.79
N GLY A 33 -11.44 -16.94 5.55
CA GLY A 33 -11.59 -17.84 4.43
C GLY A 33 -11.42 -17.16 3.08
N GLU A 34 -12.21 -16.11 2.86
CA GLU A 34 -12.15 -15.33 1.61
C GLU A 34 -12.85 -13.99 1.75
N LYS A 35 -12.47 -13.06 0.88
CA LYS A 35 -13.04 -11.71 0.87
C LYS A 35 -13.78 -11.42 -0.45
N ARG A 1 -0.27 10.93 18.28
CA ARG A 1 -0.13 11.77 17.06
C ARG A 1 0.40 13.17 17.40
N ARG A 2 1.32 13.67 16.60
CA ARG A 2 1.91 15.00 16.82
C ARG A 2 2.67 15.47 15.58
N LYS A 3 2.34 16.68 15.12
CA LYS A 3 2.98 17.29 13.94
C LYS A 3 2.64 16.54 12.65
N PRO A 4 1.85 17.16 11.76
CA PRO A 4 1.44 16.56 10.48
C PRO A 4 2.62 16.37 9.52
N LEU A 5 2.65 15.24 8.81
CA LEU A 5 3.71 14.94 7.86
C LEU A 5 3.50 15.66 6.51
N PHE A 6 2.98 16.88 6.58
CA PHE A 6 2.72 17.68 5.37
C PHE A 6 3.97 18.48 4.96
N TYR A 7 5.08 17.77 4.78
CA TYR A 7 6.33 18.41 4.39
C TYR A 7 6.30 18.91 2.95
N THR A 8 5.89 18.03 2.03
CA THR A 8 5.80 18.37 0.61
C THR A 8 5.22 17.20 -0.18
N ILE A 9 5.56 17.11 -1.48
CA ILE A 9 5.07 16.04 -2.34
C ILE A 9 5.77 14.70 -2.05
N ASN A 10 5.79 14.31 -0.78
CA ASN A 10 6.41 13.06 -0.38
C ASN A 10 5.39 12.11 0.25
N LEU A 11 4.23 11.98 -0.40
CA LEU A 11 3.15 11.11 0.09
C LEU A 11 3.46 9.62 -0.16
N ILE A 12 4.68 9.21 0.15
CA ILE A 12 5.11 7.84 -0.03
C ILE A 12 4.47 6.92 1.03
N ILE A 13 4.43 7.40 2.28
CA ILE A 13 3.86 6.63 3.39
C ILE A 13 2.42 6.14 3.09
N PRO A 14 1.46 7.07 2.85
CA PRO A 14 0.08 6.67 2.54
C PRO A 14 0.00 5.72 1.34
N CYS A 15 0.81 5.99 0.32
CA CYS A 15 0.85 5.17 -0.88
C CYS A 15 1.27 3.73 -0.58
N VAL A 16 2.40 3.55 0.10
CA VAL A 16 2.87 2.21 0.43
C VAL A 16 1.90 1.51 1.40
N LEU A 17 1.33 2.26 2.34
CA LEU A 17 0.37 1.71 3.29
C LEU A 17 -0.87 1.18 2.57
N ILE A 18 -1.51 2.02 1.75
CA ILE A 18 -2.69 1.58 1.01
C ILE A 18 -2.34 0.46 0.04
N THR A 19 -1.15 0.51 -0.56
CA THR A 19 -0.71 -0.53 -1.49
C THR A 19 -0.55 -1.86 -0.73
N SER A 20 0.12 -1.79 0.41
CA SER A 20 0.34 -2.98 1.26
C SER A 20 -0.99 -3.58 1.69
N LEU A 21 -1.88 -2.76 2.24
CA LEU A 21 -3.19 -3.22 2.68
C LEU A 21 -3.99 -3.80 1.51
N ALA A 22 -3.98 -3.11 0.36
CA ALA A 22 -4.69 -3.60 -0.81
C ALA A 22 -4.18 -4.98 -1.21
N ILE A 23 -2.88 -5.08 -1.47
CA ILE A 23 -2.28 -6.38 -1.85
C ILE A 23 -2.56 -7.43 -0.78
N LEU A 24 -2.54 -7.04 0.50
CA LEU A 24 -2.82 -7.97 1.59
C LEU A 24 -4.23 -8.56 1.44
N VAL A 25 -5.20 -7.70 1.16
CA VAL A 25 -6.60 -8.12 0.96
C VAL A 25 -6.79 -8.74 -0.43
N PHE A 26 -6.28 -8.06 -1.44
CA PHE A 26 -6.36 -8.47 -2.84
C PHE A 26 -5.67 -9.82 -3.10
N TYR A 27 -4.42 -9.91 -2.67
CA TYR A 27 -3.63 -11.14 -2.82
C TYR A 27 -3.79 -12.04 -1.59
N LEU A 28 -5.03 -12.38 -1.25
CA LEU A 28 -5.31 -13.22 -0.09
C LEU A 28 -4.53 -14.54 -0.15
N PRO A 29 -3.87 -14.91 0.97
CA PRO A 29 -3.09 -16.15 1.04
C PRO A 29 -3.95 -17.40 0.92
N SER A 30 -3.56 -18.28 0.00
CA SER A 30 -4.28 -19.54 -0.21
C SER A 30 -3.93 -20.57 0.85
N ASP A 31 -2.63 -20.72 1.11
CA ASP A 31 -2.15 -21.67 2.11
C ASP A 31 -1.71 -20.97 3.41
N CYS A 32 -1.15 -21.74 4.32
CA CYS A 32 -0.68 -21.21 5.61
C CYS A 32 0.69 -20.55 5.49
N GLY A 33 0.82 -19.33 6.04
CA GLY A 33 2.08 -18.60 5.99
C GLY A 33 2.55 -18.34 4.57
N GLU A 34 1.60 -18.04 3.69
CA GLU A 34 1.89 -17.79 2.29
C GLU A 34 2.44 -16.37 2.05
N LYS A 35 1.77 -15.37 2.61
CA LYS A 35 2.20 -13.98 2.47
C LYS A 35 2.17 -13.25 3.81
N ARG A 1 14.93 23.11 8.47
CA ARG A 1 14.70 22.90 7.02
C ARG A 1 13.82 21.69 6.75
N ARG A 2 13.24 21.63 5.55
CA ARG A 2 12.38 20.51 5.18
C ARG A 2 13.22 19.25 4.88
N LYS A 3 12.66 18.09 5.23
CA LYS A 3 13.35 16.81 5.04
C LYS A 3 13.81 16.61 3.58
N PRO A 4 15.08 16.21 3.39
CA PRO A 4 15.66 15.99 2.04
C PRO A 4 15.10 14.73 1.34
N LEU A 5 13.78 14.57 1.37
CA LEU A 5 13.14 13.43 0.74
C LEU A 5 12.96 13.63 -0.77
N PHE A 6 14.04 14.00 -1.44
CA PHE A 6 14.01 14.23 -2.90
C PHE A 6 14.20 12.92 -3.69
N TYR A 7 13.74 11.81 -3.11
CA TYR A 7 13.85 10.51 -3.75
C TYR A 7 12.65 10.24 -4.68
N THR A 8 11.48 10.68 -4.25
CA THR A 8 10.25 10.50 -5.03
C THR A 8 9.09 11.34 -4.46
N ILE A 9 7.87 10.85 -4.56
CA ILE A 9 6.69 11.57 -4.07
C ILE A 9 6.71 11.73 -2.54
N ASN A 10 6.22 12.87 -2.07
CA ASN A 10 6.16 13.15 -0.63
C ASN A 10 5.18 12.22 0.10
N LEU A 11 4.04 11.97 -0.53
CA LEU A 11 3.02 11.08 0.04
C LEU A 11 3.35 9.61 -0.19
N ILE A 12 4.60 9.24 0.03
CA ILE A 12 5.04 7.85 -0.15
C ILE A 12 4.46 6.93 0.94
N ILE A 13 4.38 7.44 2.17
CA ILE A 13 3.86 6.65 3.30
C ILE A 13 2.43 6.14 3.03
N PRO A 14 1.44 7.04 2.82
CA PRO A 14 0.06 6.61 2.53
C PRO A 14 0.00 5.67 1.32
N CYS A 15 0.82 5.96 0.31
CA CYS A 15 0.87 5.14 -0.90
C CYS A 15 1.29 3.69 -0.58
N VAL A 16 2.42 3.51 0.10
CA VAL A 16 2.88 2.17 0.44
C VAL A 16 1.93 1.47 1.41
N LEU A 17 1.41 2.20 2.40
CA LEU A 17 0.46 1.63 3.36
C LEU A 17 -0.80 1.13 2.65
N ILE A 18 -1.44 1.99 1.85
CA ILE A 18 -2.64 1.61 1.12
C ILE A 18 -2.34 0.44 0.16
N THR A 19 -1.20 0.53 -0.54
CA THR A 19 -0.79 -0.53 -1.46
C THR A 19 -0.62 -1.86 -0.71
N SER A 20 0.05 -1.80 0.44
CA SER A 20 0.27 -2.98 1.28
C SER A 20 -1.07 -3.57 1.72
N LEU A 21 -1.95 -2.73 2.27
CA LEU A 21 -3.27 -3.19 2.71
C LEU A 21 -4.04 -3.80 1.54
N ALA A 22 -3.99 -3.13 0.37
CA ALA A 22 -4.66 -3.63 -0.81
C ALA A 22 -4.13 -5.00 -1.18
N ILE A 23 -2.83 -5.10 -1.46
CA ILE A 23 -2.22 -6.40 -1.79
C ILE A 23 -2.55 -7.47 -0.74
N LEU A 24 -2.55 -7.07 0.54
CA LEU A 24 -2.88 -8.00 1.63
C LEU A 24 -4.29 -8.59 1.43
N VAL A 25 -5.27 -7.73 1.14
CA VAL A 25 -6.65 -8.20 0.91
C VAL A 25 -6.84 -8.71 -0.53
N PHE A 26 -6.22 -7.99 -1.45
CA PHE A 26 -6.26 -8.28 -2.88
C PHE A 26 -5.31 -9.41 -3.27
N TYR A 27 -4.34 -9.04 -4.11
CA TYR A 27 -3.30 -9.95 -4.60
C TYR A 27 -3.89 -11.25 -5.19
N LEU A 28 -4.95 -11.10 -5.99
CA LEU A 28 -5.58 -12.25 -6.61
C LEU A 28 -4.86 -12.64 -7.91
N PRO A 29 -4.22 -13.82 -7.94
CA PRO A 29 -3.50 -14.30 -9.12
C PRO A 29 -4.44 -14.84 -10.21
N SER A 30 -5.45 -14.03 -10.55
CA SER A 30 -6.44 -14.42 -11.57
C SER A 30 -5.86 -14.32 -12.99
N ASP A 31 -5.46 -13.13 -13.37
CA ASP A 31 -4.93 -12.87 -14.70
C ASP A 31 -3.42 -13.18 -14.77
N CYS A 32 -2.68 -12.39 -15.53
CA CYS A 32 -1.23 -12.59 -15.68
C CYS A 32 -0.47 -12.08 -14.45
N GLY A 33 0.23 -12.98 -13.77
CA GLY A 33 0.99 -12.61 -12.60
C GLY A 33 1.45 -13.82 -11.79
N GLU A 34 2.76 -13.86 -11.49
CA GLU A 34 3.38 -14.95 -10.71
C GLU A 34 2.84 -16.35 -11.07
N LYS A 35 2.98 -16.70 -12.35
CA LYS A 35 2.52 -17.99 -12.87
C LYS A 35 3.17 -18.30 -14.21
N ARG A 1 6.48 6.43 -11.97
CA ARG A 1 5.61 7.63 -12.03
C ARG A 1 6.36 8.84 -12.59
N ARG A 2 5.72 9.59 -13.46
CA ARG A 2 6.32 10.78 -14.08
C ARG A 2 6.37 11.98 -13.12
N LYS A 3 7.07 11.79 -11.99
CA LYS A 3 7.23 12.82 -10.92
C LYS A 3 5.95 13.63 -10.64
N PRO A 4 4.88 12.94 -10.17
CA PRO A 4 3.61 13.60 -9.84
C PRO A 4 3.69 14.42 -8.55
N LEU A 5 3.10 15.61 -8.58
CA LEU A 5 3.11 16.51 -7.41
C LEU A 5 2.16 16.04 -6.31
N PHE A 6 2.29 14.77 -5.91
CA PHE A 6 1.46 14.18 -4.85
C PHE A 6 1.90 14.63 -3.45
N TYR A 7 2.22 15.91 -3.32
CA TYR A 7 2.66 16.48 -2.04
C TYR A 7 1.47 16.68 -1.09
N THR A 8 0.33 17.05 -1.64
CA THR A 8 -0.87 17.29 -0.84
C THR A 8 -1.54 15.99 -0.38
N ILE A 9 -1.42 14.94 -1.17
CA ILE A 9 -2.03 13.65 -0.82
C ILE A 9 -1.33 12.47 -1.50
N ASN A 10 -1.14 11.38 -0.74
CA ASN A 10 -0.49 10.16 -1.21
C ASN A 10 0.96 10.41 -1.62
N LEU A 11 1.72 11.02 -0.71
CA LEU A 11 3.14 11.33 -0.95
C LEU A 11 3.97 10.06 -1.18
N ILE A 12 4.09 9.24 -0.16
CA ILE A 12 4.85 7.99 -0.25
C ILE A 12 4.43 7.00 0.85
N ILE A 13 4.44 7.45 2.11
CA ILE A 13 4.02 6.62 3.23
C ILE A 13 2.57 6.12 3.02
N PRO A 14 1.60 7.04 2.79
CA PRO A 14 0.21 6.68 2.54
C PRO A 14 0.08 5.68 1.37
N CYS A 15 0.82 5.95 0.29
CA CYS A 15 0.83 5.08 -0.88
C CYS A 15 1.31 3.68 -0.51
N VAL A 16 2.38 3.61 0.29
CA VAL A 16 2.94 2.35 0.72
C VAL A 16 1.96 1.55 1.59
N LEU A 17 1.35 2.20 2.59
CA LEU A 17 0.40 1.49 3.45
C LEU A 17 -0.85 1.08 2.67
N ILE A 18 -1.39 1.98 1.84
CA ILE A 18 -2.57 1.66 1.03
C ILE A 18 -2.28 0.49 0.10
N THR A 19 -1.11 0.53 -0.57
CA THR A 19 -0.71 -0.55 -1.46
C THR A 19 -0.56 -1.86 -0.69
N SER A 20 0.10 -1.80 0.46
CA SER A 20 0.31 -2.98 1.31
C SER A 20 -1.03 -3.58 1.71
N LEU A 21 -1.92 -2.76 2.28
CA LEU A 21 -3.23 -3.23 2.69
C LEU A 21 -4.00 -3.81 1.50
N ALA A 22 -3.96 -3.12 0.36
CA ALA A 22 -4.62 -3.60 -0.84
C ALA A 22 -4.11 -4.97 -1.22
N ILE A 23 -2.80 -5.11 -1.41
CA ILE A 23 -2.19 -6.40 -1.75
C ILE A 23 -2.56 -7.47 -0.73
N LEU A 24 -2.58 -7.12 0.56
CA LEU A 24 -2.96 -8.08 1.61
C LEU A 24 -4.39 -8.59 1.38
N VAL A 25 -5.30 -7.68 1.08
CA VAL A 25 -6.71 -8.02 0.82
C VAL A 25 -6.90 -8.62 -0.58
N PHE A 26 -6.21 -8.03 -1.54
CA PHE A 26 -6.26 -8.41 -2.95
C PHE A 26 -5.61 -9.77 -3.24
N TYR A 27 -4.37 -9.94 -2.79
CA TYR A 27 -3.63 -11.17 -3.03
C TYR A 27 -3.99 -12.31 -2.07
N LEU A 28 -5.28 -12.58 -1.91
CA LEU A 28 -5.72 -13.68 -1.03
C LEU A 28 -5.67 -15.01 -1.77
N PRO A 29 -5.00 -16.02 -1.18
CA PRO A 29 -4.88 -17.36 -1.79
C PRO A 29 -6.17 -18.19 -1.70
N SER A 30 -7.31 -17.51 -1.85
CA SER A 30 -8.62 -18.15 -1.79
C SER A 30 -9.72 -17.12 -2.02
N ASP A 31 -10.69 -17.48 -2.87
CA ASP A 31 -11.84 -16.62 -3.17
C ASP A 31 -11.42 -15.26 -3.73
N CYS A 32 -10.34 -15.23 -4.51
CA CYS A 32 -9.84 -13.99 -5.11
C CYS A 32 -8.67 -14.26 -6.06
N GLY A 33 -7.63 -14.91 -5.54
CA GLY A 33 -6.45 -15.22 -6.34
C GLY A 33 -6.65 -16.34 -7.36
N GLU A 34 -7.58 -16.14 -8.30
CA GLU A 34 -7.87 -17.14 -9.34
C GLU A 34 -6.64 -17.38 -10.23
N LYS A 35 -5.89 -16.31 -10.48
CA LYS A 35 -4.69 -16.36 -11.32
C LYS A 35 -3.48 -15.76 -10.60
N ARG A 1 2.19 2.06 -4.89
CA ARG A 1 2.32 1.95 -6.37
C ARG A 1 2.66 0.51 -6.80
N ARG A 2 2.02 0.03 -7.87
CA ARG A 2 2.27 -1.34 -8.37
C ARG A 2 3.53 -1.39 -9.24
N LYS A 3 4.62 -0.81 -8.75
CA LYS A 3 5.90 -0.79 -9.46
C LYS A 3 7.07 -0.63 -8.48
N PRO A 4 8.14 -1.43 -8.66
CA PRO A 4 9.33 -1.37 -7.78
C PRO A 4 10.19 -0.13 -8.03
N LEU A 5 9.54 1.04 -8.06
CA LEU A 5 10.22 2.31 -8.30
C LEU A 5 9.56 3.44 -7.50
N PHE A 6 9.58 3.33 -6.18
CA PHE A 6 8.98 4.35 -5.30
C PHE A 6 9.85 5.61 -5.18
N TYR A 7 10.27 6.15 -6.33
CA TYR A 7 11.10 7.36 -6.35
C TYR A 7 10.33 8.60 -5.87
N THR A 8 9.00 8.57 -5.98
CA THR A 8 8.17 9.68 -5.54
C THR A 8 8.02 9.71 -4.02
N ILE A 9 8.71 10.67 -3.39
CA ILE A 9 8.66 10.82 -1.94
C ILE A 9 7.33 11.43 -1.49
N ASN A 10 6.73 12.26 -2.35
CA ASN A 10 5.46 12.93 -2.04
C ASN A 10 4.37 11.91 -1.73
N LEU A 11 3.91 11.90 -0.47
CA LEU A 11 2.86 11.00 -0.01
C LEU A 11 3.23 9.52 -0.21
N ILE A 12 4.53 9.21 -0.07
CA ILE A 12 5.00 7.84 -0.24
C ILE A 12 4.50 6.92 0.89
N ILE A 13 4.45 7.44 2.11
CA ILE A 13 3.96 6.66 3.27
C ILE A 13 2.53 6.15 3.05
N PRO A 14 1.52 7.05 2.90
CA PRO A 14 0.14 6.63 2.66
C PRO A 14 0.02 5.71 1.45
N CYS A 15 0.79 6.01 0.39
CA CYS A 15 0.78 5.19 -0.82
C CYS A 15 1.22 3.76 -0.54
N VAL A 16 2.35 3.59 0.16
CA VAL A 16 2.85 2.26 0.48
C VAL A 16 1.88 1.53 1.44
N LEU A 17 1.36 2.24 2.43
CA LEU A 17 0.42 1.65 3.38
C LEU A 17 -0.83 1.12 2.64
N ILE A 18 -1.45 1.99 1.84
CA ILE A 18 -2.63 1.60 1.06
C ILE A 18 -2.29 0.45 0.12
N THR A 19 -1.13 0.54 -0.54
CA THR A 19 -0.69 -0.53 -1.44
C THR A 19 -0.55 -1.84 -0.69
N SER A 20 0.11 -1.79 0.47
CA SER A 20 0.30 -2.97 1.32
C SER A 20 -1.05 -3.58 1.72
N LEU A 21 -1.94 -2.74 2.26
CA LEU A 21 -3.28 -3.20 2.67
C LEU A 21 -4.03 -3.81 1.49
N ALA A 22 -3.98 -3.12 0.33
CA ALA A 22 -4.65 -3.61 -0.86
C ALA A 22 -4.12 -4.99 -1.24
N ILE A 23 -2.82 -5.12 -1.43
CA ILE A 23 -2.21 -6.42 -1.78
C ILE A 23 -2.55 -7.47 -0.72
N LEU A 24 -2.57 -7.07 0.56
CA LEU A 24 -2.92 -8.00 1.63
C LEU A 24 -4.33 -8.57 1.42
N VAL A 25 -5.28 -7.68 1.09
CA VAL A 25 -6.67 -8.08 0.85
C VAL A 25 -6.82 -8.72 -0.55
N PHE A 26 -6.24 -8.05 -1.54
CA PHE A 26 -6.27 -8.47 -2.94
C PHE A 26 -5.58 -9.82 -3.17
N TYR A 27 -4.35 -9.94 -2.69
CA TYR A 27 -3.57 -11.16 -2.83
C TYR A 27 -3.74 -12.04 -1.59
N LEU A 28 -4.97 -12.09 -1.07
CA LEU A 28 -5.28 -12.87 0.12
C LEU A 28 -5.11 -14.38 -0.13
N PRO A 29 -4.61 -15.11 0.87
CA PRO A 29 -4.41 -16.55 0.77
C PRO A 29 -5.72 -17.34 0.83
N SER A 30 -5.70 -18.44 1.59
CA SER A 30 -6.87 -19.32 1.78
C SER A 30 -7.47 -19.81 0.45
N ASP A 31 -6.59 -20.04 -0.53
CA ASP A 31 -6.99 -20.55 -1.85
C ASP A 31 -8.13 -19.73 -2.47
N CYS A 32 -7.89 -18.43 -2.67
CA CYS A 32 -8.89 -17.52 -3.26
C CYS A 32 -9.11 -17.77 -4.77
N GLY A 33 -9.36 -19.02 -5.13
CA GLY A 33 -9.59 -19.35 -6.53
C GLY A 33 -10.97 -18.94 -7.03
N GLU A 34 -11.01 -18.26 -8.15
CA GLU A 34 -12.27 -17.80 -8.74
C GLU A 34 -12.85 -18.86 -9.70
N LYS A 35 -13.75 -18.44 -10.58
CA LYS A 35 -14.37 -19.35 -11.56
C LYS A 35 -13.43 -19.61 -12.74
N ARG A 1 13.24 6.18 12.05
CA ARG A 1 13.40 7.36 11.15
C ARG A 1 14.60 8.23 11.56
N ARG A 2 15.73 7.60 11.86
CA ARG A 2 16.93 8.34 12.24
C ARG A 2 17.61 8.95 11.02
N LYS A 3 17.76 10.28 11.05
CA LYS A 3 18.38 11.03 9.94
C LYS A 3 17.67 10.76 8.61
N PRO A 4 16.41 11.21 8.47
CA PRO A 4 15.63 11.02 7.25
C PRO A 4 15.99 12.01 6.14
N LEU A 5 17.28 12.18 5.88
CA LEU A 5 17.75 13.10 4.84
C LEU A 5 17.75 12.42 3.47
N PHE A 6 16.62 11.83 3.10
CA PHE A 6 16.49 11.14 1.82
C PHE A 6 15.06 11.21 1.26
N TYR A 7 14.41 12.35 1.48
CA TYR A 7 13.05 12.56 1.00
C TYR A 7 13.04 12.83 -0.51
N THR A 8 12.03 12.30 -1.20
CA THR A 8 11.90 12.49 -2.64
C THR A 8 10.48 12.18 -3.14
N ILE A 9 9.96 11.01 -2.80
CA ILE A 9 8.62 10.62 -3.22
C ILE A 9 7.55 11.23 -2.32
N ASN A 10 6.73 12.11 -2.89
CA ASN A 10 5.67 12.76 -2.12
C ASN A 10 4.53 11.80 -1.80
N LEU A 11 4.09 11.83 -0.54
CA LEU A 11 3.00 10.97 -0.06
C LEU A 11 3.34 9.48 -0.22
N ILE A 12 4.61 9.14 0.01
CA ILE A 12 5.07 7.76 -0.11
C ILE A 12 4.49 6.87 0.99
N ILE A 13 4.41 7.39 2.22
CA ILE A 13 3.87 6.64 3.35
C ILE A 13 2.43 6.16 3.08
N PRO A 14 1.46 7.08 2.85
CA PRO A 14 0.07 6.68 2.57
C PRO A 14 -0.02 5.73 1.37
N CYS A 15 0.79 6.01 0.34
CA CYS A 15 0.81 5.17 -0.86
C CYS A 15 1.25 3.73 -0.55
N VAL A 16 2.40 3.58 0.11
CA VAL A 16 2.89 2.24 0.44
C VAL A 16 1.92 1.53 1.41
N LEU A 17 1.36 2.29 2.36
CA LEU A 17 0.41 1.73 3.32
C LEU A 17 -0.84 1.18 2.62
N ILE A 18 -1.49 2.03 1.80
CA ILE A 18 -2.69 1.58 1.08
C ILE A 18 -2.34 0.46 0.09
N THR A 19 -1.15 0.54 -0.52
CA THR A 19 -0.72 -0.50 -1.45
C THR A 19 -0.55 -1.82 -0.72
N SER A 20 0.10 -1.77 0.46
CA SER A 20 0.31 -2.95 1.28
C SER A 20 -1.02 -3.56 1.69
N LEU A 21 -1.91 -2.74 2.26
CA LEU A 21 -3.23 -3.21 2.68
C LEU A 21 -3.99 -3.81 1.50
N ALA A 22 -3.94 -3.14 0.35
CA ALA A 22 -4.61 -3.63 -0.85
C ALA A 22 -4.09 -5.01 -1.22
N ILE A 23 -2.79 -5.13 -1.46
CA ILE A 23 -2.19 -6.43 -1.80
C ILE A 23 -2.54 -7.50 -0.74
N LEU A 24 -2.51 -7.13 0.53
CA LEU A 24 -2.85 -8.06 1.60
C LEU A 24 -4.28 -8.60 1.43
N VAL A 25 -5.22 -7.71 1.12
CA VAL A 25 -6.62 -8.09 0.93
C VAL A 25 -6.86 -8.68 -0.48
N PHE A 26 -6.26 -8.02 -1.46
CA PHE A 26 -6.36 -8.39 -2.88
C PHE A 26 -5.73 -9.74 -3.21
N TYR A 27 -4.50 -9.95 -2.75
CA TYR A 27 -3.78 -11.19 -3.02
C TYR A 27 -4.12 -12.30 -2.03
N LEU A 28 -4.05 -11.99 -0.73
CA LEU A 28 -4.36 -12.98 0.30
C LEU A 28 -5.83 -12.91 0.73
N PRO A 29 -6.48 -14.08 0.91
CA PRO A 29 -7.89 -14.15 1.33
C PRO A 29 -8.11 -13.73 2.79
N SER A 30 -7.54 -12.59 3.18
CA SER A 30 -7.67 -12.08 4.54
C SER A 30 -8.95 -11.26 4.72
N ASP A 31 -9.40 -11.17 5.98
CA ASP A 31 -10.60 -10.40 6.34
C ASP A 31 -11.84 -10.88 5.58
N CYS A 32 -12.09 -12.19 5.61
CA CYS A 32 -13.26 -12.77 4.96
C CYS A 32 -14.54 -12.53 5.78
N GLY A 33 -14.77 -11.26 6.11
CA GLY A 33 -15.92 -10.88 6.90
C GLY A 33 -15.83 -9.42 7.33
N GLU A 34 -16.97 -8.79 7.54
CA GLU A 34 -17.00 -7.39 7.95
C GLU A 34 -16.63 -7.23 9.43
N LYS A 35 -15.39 -6.80 9.68
CA LYS A 35 -14.88 -6.59 11.05
C LYS A 35 -13.55 -5.85 11.01
N ARG A 1 8.88 14.00 -8.79
CA ARG A 1 8.70 13.68 -7.34
C ARG A 1 7.23 13.72 -6.94
N ARG A 2 6.86 12.86 -5.99
CA ARG A 2 5.48 12.78 -5.52
C ARG A 2 5.26 13.56 -4.22
N LYS A 3 5.60 14.85 -4.23
CA LYS A 3 5.44 15.70 -3.04
C LYS A 3 5.43 17.17 -3.43
N PRO A 4 4.46 17.96 -2.89
CA PRO A 4 4.36 19.39 -3.17
C PRO A 4 5.34 20.23 -2.34
N LEU A 5 5.01 21.50 -2.12
CA LEU A 5 5.85 22.39 -1.34
C LEU A 5 5.48 22.37 0.14
N PHE A 6 5.21 23.54 0.66
CA PHE A 6 4.84 23.72 2.07
C PHE A 6 3.37 23.39 2.32
N TYR A 7 2.94 22.21 1.92
CA TYR A 7 1.55 21.80 2.12
C TYR A 7 1.45 20.42 2.78
N THR A 8 2.08 19.43 2.16
CA THR A 8 2.07 18.06 2.70
C THR A 8 3.42 17.37 2.46
N ILE A 9 3.69 16.35 3.26
CA ILE A 9 4.93 15.58 3.14
C ILE A 9 4.91 14.66 1.92
N ASN A 10 5.86 13.72 1.87
CA ASN A 10 5.92 12.79 0.75
C ASN A 10 4.77 11.79 0.82
N LEU A 11 4.04 11.66 -0.27
CA LEU A 11 2.89 10.75 -0.33
C LEU A 11 3.30 9.27 -0.44
N ILE A 12 4.58 8.99 -0.18
CA ILE A 12 5.08 7.62 -0.24
C ILE A 12 4.53 6.77 0.91
N ILE A 13 4.43 7.35 2.10
CA ILE A 13 3.91 6.65 3.28
C ILE A 13 2.45 6.19 3.06
N PRO A 14 1.49 7.11 2.85
CA PRO A 14 0.10 6.73 2.60
C PRO A 14 -0.03 5.76 1.43
N CYS A 15 0.77 5.98 0.38
CA CYS A 15 0.75 5.13 -0.79
C CYS A 15 1.22 3.71 -0.47
N VAL A 16 2.38 3.57 0.17
CA VAL A 16 2.89 2.24 0.52
C VAL A 16 1.92 1.54 1.48
N LEU A 17 1.34 2.29 2.42
CA LEU A 17 0.37 1.73 3.36
C LEU A 17 -0.86 1.19 2.62
N ILE A 18 -1.50 2.04 1.80
CA ILE A 18 -2.69 1.60 1.05
C ILE A 18 -2.34 0.47 0.07
N THR A 19 -1.15 0.52 -0.51
CA THR A 19 -0.71 -0.52 -1.43
C THR A 19 -0.55 -1.83 -0.68
N SER A 20 0.08 -1.75 0.51
CA SER A 20 0.30 -2.92 1.36
C SER A 20 -1.02 -3.56 1.78
N LEU A 21 -1.96 -2.76 2.33
CA LEU A 21 -3.25 -3.30 2.74
C LEU A 21 -4.03 -3.84 1.54
N ALA A 22 -3.98 -3.12 0.41
CA ALA A 22 -4.67 -3.58 -0.79
C ALA A 22 -4.16 -4.94 -1.21
N ILE A 23 -2.85 -5.06 -1.45
CA ILE A 23 -2.26 -6.34 -1.84
C ILE A 23 -2.55 -7.42 -0.79
N LEU A 24 -2.51 -7.04 0.49
CA LEU A 24 -2.82 -7.98 1.57
C LEU A 24 -4.23 -8.57 1.39
N VAL A 25 -5.19 -7.71 1.08
CA VAL A 25 -6.58 -8.14 0.87
C VAL A 25 -6.76 -8.73 -0.54
N PHE A 26 -6.21 -8.04 -1.52
CA PHE A 26 -6.28 -8.39 -2.95
C PHE A 26 -5.60 -9.73 -3.25
N TYR A 27 -4.38 -9.90 -2.75
CA TYR A 27 -3.60 -11.12 -2.99
C TYR A 27 -3.85 -12.17 -1.91
N LEU A 28 -5.11 -12.51 -1.68
CA LEU A 28 -5.47 -13.51 -0.67
C LEU A 28 -4.99 -14.90 -1.09
N PRO A 29 -4.30 -15.62 -0.19
CA PRO A 29 -3.78 -16.96 -0.46
C PRO A 29 -4.88 -17.99 -0.77
N SER A 30 -4.70 -18.71 -1.87
CA SER A 30 -5.67 -19.72 -2.28
C SER A 30 -4.98 -20.93 -2.91
N ASP A 31 -3.92 -20.68 -3.66
CA ASP A 31 -3.19 -21.76 -4.33
C ASP A 31 -1.75 -21.35 -4.66
N CYS A 32 -1.55 -20.72 -5.81
CA CYS A 32 -0.23 -20.29 -6.25
C CYS A 32 -0.30 -19.14 -7.26
N GLY A 33 -1.49 -18.91 -7.84
CA GLY A 33 -1.65 -17.83 -8.80
C GLY A 33 -1.49 -16.46 -8.18
N GLU A 34 -1.99 -16.31 -6.96
CA GLU A 34 -1.92 -15.05 -6.23
C GLU A 34 -0.48 -14.76 -5.73
N LYS A 35 0.23 -15.82 -5.33
CA LYS A 35 1.61 -15.70 -4.86
C LYS A 35 2.28 -17.08 -4.79
N ARG A 1 -2.54 18.80 16.37
CA ARG A 1 -1.41 17.96 16.86
C ARG A 1 -1.06 16.86 15.86
N ARG A 2 0.22 16.53 15.75
CA ARG A 2 0.70 15.51 14.81
C ARG A 2 0.41 15.91 13.36
N LYS A 3 0.69 17.18 13.04
CA LYS A 3 0.45 17.75 11.69
C LYS A 3 -1.04 17.78 11.35
N PRO A 4 -1.62 18.99 11.19
CA PRO A 4 -3.05 19.16 10.88
C PRO A 4 -3.48 18.44 9.59
N LEU A 5 -4.30 17.40 9.76
CA LEU A 5 -4.82 16.61 8.63
C LEU A 5 -3.71 16.10 7.71
N PHE A 6 -2.56 15.77 8.30
CA PHE A 6 -1.44 15.27 7.51
C PHE A 6 -0.49 14.45 8.39
N TYR A 7 -1.05 13.44 9.05
CA TYR A 7 -0.29 12.54 9.93
C TYR A 7 0.65 11.61 9.16
N THR A 8 1.47 12.19 8.30
CA THR A 8 2.42 11.44 7.48
C THR A 8 3.57 12.33 7.02
N ILE A 9 4.75 11.73 6.86
CA ILE A 9 5.93 12.47 6.42
C ILE A 9 5.70 13.10 5.04
N ASN A 10 5.12 12.31 4.13
CA ASN A 10 4.82 12.78 2.78
C ASN A 10 3.76 11.88 2.11
N LEU A 11 3.82 11.78 0.78
CA LEU A 11 2.85 10.98 0.02
C LEU A 11 3.27 9.51 -0.13
N ILE A 12 4.56 9.22 0.06
CA ILE A 12 5.06 7.86 -0.07
C ILE A 12 4.48 6.91 0.99
N ILE A 13 4.45 7.37 2.25
CA ILE A 13 3.93 6.56 3.35
C ILE A 13 2.50 6.06 3.07
N PRO A 14 1.50 6.96 2.86
CA PRO A 14 0.12 6.55 2.57
C PRO A 14 0.04 5.64 1.35
N CYS A 15 0.81 5.96 0.31
CA CYS A 15 0.83 5.15 -0.92
C CYS A 15 1.26 3.71 -0.60
N VAL A 16 2.35 3.56 0.16
CA VAL A 16 2.85 2.27 0.56
C VAL A 16 1.84 1.54 1.44
N LEU A 17 1.30 2.24 2.44
CA LEU A 17 0.32 1.65 3.35
C LEU A 17 -0.91 1.16 2.60
N ILE A 18 -1.49 2.00 1.74
CA ILE A 18 -2.66 1.63 0.95
C ILE A 18 -2.34 0.45 0.02
N THR A 19 -1.18 0.53 -0.64
CA THR A 19 -0.76 -0.55 -1.55
C THR A 19 -0.59 -1.87 -0.78
N SER A 20 0.10 -1.80 0.35
CA SER A 20 0.32 -2.98 1.20
C SER A 20 -1.01 -3.58 1.66
N LEU A 21 -1.87 -2.73 2.22
CA LEU A 21 -3.19 -3.18 2.69
C LEU A 21 -4.00 -3.78 1.55
N ALA A 22 -4.00 -3.09 0.40
CA ALA A 22 -4.72 -3.61 -0.77
C ALA A 22 -4.19 -4.97 -1.16
N ILE A 23 -2.89 -5.05 -1.43
CA ILE A 23 -2.26 -6.34 -1.79
C ILE A 23 -2.55 -7.41 -0.74
N LEU A 24 -2.56 -7.03 0.53
CA LEU A 24 -2.86 -7.99 1.61
C LEU A 24 -4.26 -8.57 1.44
N VAL A 25 -5.23 -7.71 1.16
CA VAL A 25 -6.62 -8.15 0.96
C VAL A 25 -6.83 -8.70 -0.46
N PHE A 26 -6.19 -8.05 -1.41
CA PHE A 26 -6.24 -8.39 -2.83
C PHE A 26 -5.37 -9.59 -3.17
N TYR A 27 -4.41 -9.35 -4.07
CA TYR A 27 -3.45 -10.36 -4.52
C TYR A 27 -4.15 -11.65 -4.99
N LEU A 28 -5.19 -11.48 -5.81
CA LEU A 28 -5.96 -12.61 -6.35
C LEU A 28 -6.57 -13.47 -5.24
N PRO A 29 -7.58 -12.95 -4.52
CA PRO A 29 -8.26 -13.68 -3.44
C PRO A 29 -9.18 -14.79 -3.96
N SER A 30 -8.64 -15.64 -4.83
CA SER A 30 -9.39 -16.77 -5.43
C SER A 30 -10.68 -16.30 -6.09
N ASP A 31 -10.60 -15.22 -6.87
CA ASP A 31 -11.76 -14.67 -7.56
C ASP A 31 -12.43 -15.72 -8.45
N CYS A 32 -13.68 -16.04 -8.12
CA CYS A 32 -14.48 -17.03 -8.86
C CYS A 32 -13.81 -18.41 -8.84
N GLY A 33 -13.07 -18.70 -7.77
CA GLY A 33 -12.40 -20.00 -7.63
C GLY A 33 -13.36 -21.13 -7.25
N GLU A 34 -14.43 -21.28 -8.03
CA GLU A 34 -15.42 -22.31 -7.78
C GLU A 34 -14.96 -23.68 -8.34
N LYS A 35 -14.02 -24.31 -7.61
CA LYS A 35 -13.48 -25.62 -7.99
C LYS A 35 -12.79 -25.59 -9.36
N ARG A 1 -10.02 22.95 -10.35
CA ARG A 1 -9.69 24.07 -11.27
C ARG A 1 -8.62 24.97 -10.66
N ARG A 2 -7.75 25.53 -11.51
CA ARG A 2 -6.64 26.40 -11.08
C ARG A 2 -5.71 25.67 -10.10
N LYS A 3 -5.36 24.43 -10.46
CA LYS A 3 -4.48 23.57 -9.66
C LYS A 3 -5.07 23.29 -8.26
N PRO A 4 -5.82 22.18 -8.12
CA PRO A 4 -6.43 21.79 -6.83
C PRO A 4 -5.40 21.33 -5.80
N LEU A 5 -5.76 20.30 -5.03
CA LEU A 5 -4.87 19.75 -3.99
C LEU A 5 -3.72 18.94 -4.59
N PHE A 6 -3.07 19.47 -5.62
CA PHE A 6 -1.94 18.81 -6.26
C PHE A 6 -0.62 19.13 -5.55
N TYR A 7 -0.58 18.89 -4.25
CA TYR A 7 0.61 19.16 -3.45
C TYR A 7 1.76 18.21 -3.79
N THR A 8 1.44 16.91 -3.87
CA THR A 8 2.43 15.87 -4.20
C THR A 8 3.70 15.96 -3.35
N ILE A 9 3.53 16.26 -2.07
CA ILE A 9 4.65 16.38 -1.13
C ILE A 9 5.23 15.02 -0.72
N ASN A 10 5.54 14.19 -1.71
CA ASN A 10 6.12 12.86 -1.48
C ASN A 10 5.23 11.98 -0.60
N LEU A 11 4.00 11.76 -1.04
CA LEU A 11 3.04 10.92 -0.30
C LEU A 11 3.38 9.42 -0.42
N ILE A 12 4.64 9.08 -0.18
CA ILE A 12 5.09 7.68 -0.27
C ILE A 12 4.52 6.83 0.87
N ILE A 13 4.44 7.40 2.08
CA ILE A 13 3.91 6.67 3.24
C ILE A 13 2.47 6.19 3.02
N PRO A 14 1.49 7.10 2.81
CA PRO A 14 0.10 6.70 2.56
C PRO A 14 -0.02 5.72 1.39
N CYS A 15 0.77 5.97 0.34
CA CYS A 15 0.77 5.11 -0.85
C CYS A 15 1.23 3.69 -0.50
N VAL A 16 2.36 3.56 0.20
CA VAL A 16 2.86 2.22 0.56
C VAL A 16 1.88 1.52 1.51
N LEU A 17 1.29 2.27 2.45
CA LEU A 17 0.33 1.69 3.39
C LEU A 17 -0.90 1.15 2.65
N ILE A 18 -1.54 1.99 1.83
CA ILE A 18 -2.72 1.55 1.08
C ILE A 18 -2.38 0.43 0.12
N THR A 19 -1.19 0.48 -0.49
CA THR A 19 -0.75 -0.56 -1.41
C THR A 19 -0.59 -1.89 -0.66
N SER A 20 0.08 -1.82 0.50
CA SER A 20 0.30 -3.00 1.33
C SER A 20 -1.03 -3.61 1.76
N LEU A 21 -1.93 -2.78 2.30
CA LEU A 21 -3.24 -3.23 2.74
C LEU A 21 -4.01 -3.83 1.55
N ALA A 22 -3.98 -3.13 0.41
CA ALA A 22 -4.65 -3.62 -0.78
C ALA A 22 -4.12 -4.99 -1.17
N ILE A 23 -2.82 -5.08 -1.47
CA ILE A 23 -2.19 -6.36 -1.82
C ILE A 23 -2.50 -7.46 -0.77
N LEU A 24 -2.53 -7.07 0.50
CA LEU A 24 -2.85 -8.02 1.59
C LEU A 24 -4.24 -8.62 1.39
N VAL A 25 -5.23 -7.76 1.11
CA VAL A 25 -6.61 -8.23 0.89
C VAL A 25 -6.82 -8.69 -0.55
N PHE A 26 -6.24 -7.95 -1.47
CA PHE A 26 -6.29 -8.18 -2.91
C PHE A 26 -5.32 -9.27 -3.35
N TYR A 27 -4.34 -8.84 -4.15
CA TYR A 27 -3.29 -9.71 -4.70
C TYR A 27 -3.84 -10.89 -5.51
N LEU A 28 -4.21 -10.62 -6.75
CA LEU A 28 -4.72 -11.66 -7.64
C LEU A 28 -3.63 -12.69 -7.95
N PRO A 29 -3.95 -14.00 -7.86
CA PRO A 29 -3.00 -15.10 -8.11
C PRO A 29 -2.52 -15.17 -9.57
N SER A 30 -1.77 -14.16 -10.01
CA SER A 30 -1.26 -14.12 -11.38
C SER A 30 0.13 -13.47 -11.43
N ASP A 31 0.99 -13.85 -10.49
CA ASP A 31 2.34 -13.31 -10.41
C ASP A 31 3.18 -13.74 -11.62
N CYS A 32 3.84 -12.78 -12.25
CA CYS A 32 4.67 -13.06 -13.42
C CYS A 32 5.94 -13.81 -13.03
N GLY A 33 6.07 -15.04 -13.50
CA GLY A 33 7.25 -15.83 -13.19
C GLY A 33 8.50 -15.33 -13.89
N GLU A 34 9.57 -15.15 -13.12
CA GLU A 34 10.82 -14.67 -13.66
C GLU A 34 11.54 -15.77 -14.45
N LYS A 35 11.80 -15.51 -15.72
CA LYS A 35 12.48 -16.48 -16.59
C LYS A 35 14.00 -16.27 -16.56
N ARG A 1 -1.09 3.71 -6.20
CA ARG A 1 -0.84 4.47 -7.47
C ARG A 1 0.08 3.70 -8.41
N ARG A 2 -0.15 3.84 -9.72
CA ARG A 2 0.68 3.16 -10.71
C ARG A 2 2.05 3.83 -10.82
N LYS A 3 3.10 3.01 -10.74
CA LYS A 3 4.49 3.48 -10.80
C LYS A 3 4.85 4.33 -9.58
N PRO A 4 5.69 3.78 -8.69
CA PRO A 4 6.11 4.48 -7.46
C PRO A 4 6.80 5.82 -7.75
N LEU A 5 6.17 6.92 -7.31
CA LEU A 5 6.73 8.25 -7.52
C LEU A 5 7.78 8.58 -6.46
N PHE A 6 8.81 7.75 -6.37
CA PHE A 6 9.90 7.93 -5.39
C PHE A 6 10.83 9.11 -5.74
N TYR A 7 10.29 10.17 -6.31
CA TYR A 7 11.07 11.35 -6.67
C TYR A 7 11.26 12.24 -5.44
N THR A 8 10.27 12.21 -4.54
CA THR A 8 10.31 12.99 -3.31
C THR A 8 9.23 12.49 -2.33
N ILE A 9 8.85 13.30 -1.35
CA ILE A 9 7.84 12.93 -0.37
C ILE A 9 6.41 13.07 -0.93
N ASN A 10 6.20 12.57 -2.15
CA ASN A 10 4.89 12.64 -2.80
C ASN A 10 3.93 11.59 -2.21
N LEU A 11 3.56 11.77 -0.94
CA LEU A 11 2.64 10.86 -0.25
C LEU A 11 3.13 9.40 -0.32
N ILE A 12 4.43 9.20 -0.16
CA ILE A 12 5.02 7.87 -0.23
C ILE A 12 4.52 6.95 0.90
N ILE A 13 4.42 7.50 2.11
CA ILE A 13 3.94 6.72 3.27
C ILE A 13 2.50 6.19 3.04
N PRO A 14 1.49 7.07 2.87
CA PRO A 14 0.11 6.63 2.63
C PRO A 14 0.04 5.68 1.42
N CYS A 15 0.84 5.97 0.40
CA CYS A 15 0.88 5.14 -0.81
C CYS A 15 1.32 3.71 -0.49
N VAL A 16 2.44 3.54 0.21
CA VAL A 16 2.91 2.20 0.56
C VAL A 16 1.95 1.50 1.51
N LEU A 17 1.38 2.24 2.47
CA LEU A 17 0.42 1.66 3.40
C LEU A 17 -0.81 1.14 2.68
N ILE A 18 -1.44 2.01 1.87
CA ILE A 18 -2.63 1.62 1.11
C ILE A 18 -2.31 0.47 0.14
N THR A 19 -1.16 0.56 -0.54
CA THR A 19 -0.75 -0.49 -1.48
C THR A 19 -0.59 -1.83 -0.73
N SER A 20 0.05 -1.78 0.44
CA SER A 20 0.26 -2.97 1.26
C SER A 20 -1.08 -3.58 1.68
N LEU A 21 -1.97 -2.75 2.23
CA LEU A 21 -3.29 -3.21 2.67
C LEU A 21 -4.05 -3.81 1.49
N ALA A 22 -4.01 -3.13 0.34
CA ALA A 22 -4.68 -3.62 -0.86
C ALA A 22 -4.16 -4.99 -1.23
N ILE A 23 -2.85 -5.11 -1.45
CA ILE A 23 -2.25 -6.41 -1.80
C ILE A 23 -2.56 -7.46 -0.73
N LEU A 24 -2.57 -7.06 0.55
CA LEU A 24 -2.90 -7.99 1.63
C LEU A 24 -4.30 -8.57 1.43
N VAL A 25 -5.25 -7.70 1.10
CA VAL A 25 -6.64 -8.12 0.86
C VAL A 25 -6.79 -8.75 -0.54
N PHE A 26 -6.22 -8.06 -1.53
CA PHE A 26 -6.27 -8.47 -2.94
C PHE A 26 -5.58 -9.81 -3.19
N TYR A 27 -4.36 -9.96 -2.67
CA TYR A 27 -3.59 -11.19 -2.83
C TYR A 27 -3.81 -12.13 -1.65
N LEU A 28 -5.07 -12.34 -1.29
CA LEU A 28 -5.43 -13.22 -0.17
C LEU A 28 -5.01 -14.66 -0.45
N PRO A 29 -4.39 -15.33 0.55
CA PRO A 29 -3.94 -16.72 0.40
C PRO A 29 -5.10 -17.71 0.25
N SER A 30 -5.06 -18.51 -0.82
CA SER A 30 -6.10 -19.51 -1.08
C SER A 30 -6.04 -20.67 -0.09
N ASP A 31 -7.21 -21.16 0.31
CA ASP A 31 -7.32 -22.27 1.26
C ASP A 31 -6.53 -23.50 0.77
N CYS A 32 -6.60 -23.77 -0.53
CA CYS A 32 -5.90 -24.92 -1.12
C CYS A 32 -4.48 -24.54 -1.57
N GLY A 33 -3.94 -23.44 -1.03
CA GLY A 33 -2.59 -23.01 -1.38
C GLY A 33 -2.50 -22.36 -2.75
N GLU A 34 -2.87 -23.12 -3.78
CA GLU A 34 -2.83 -22.64 -5.18
C GLU A 34 -1.42 -22.21 -5.61
N LYS A 35 -1.36 -21.14 -6.40
CA LYS A 35 -0.09 -20.60 -6.92
C LYS A 35 -0.36 -19.31 -7.70
N ARG A 1 -5.45 11.07 3.92
CA ARG A 1 -4.48 10.73 5.00
C ARG A 1 -3.69 11.97 5.44
N ARG A 2 -2.47 11.77 5.93
CA ARG A 2 -1.64 12.90 6.37
C ARG A 2 -0.99 13.60 5.18
N LYS A 3 -1.10 14.93 5.16
CA LYS A 3 -0.53 15.73 4.08
C LYS A 3 1.01 15.81 4.21
N PRO A 4 1.72 16.10 3.11
CA PRO A 4 3.18 16.22 3.11
C PRO A 4 3.67 17.36 4.02
N LEU A 5 4.70 17.08 4.83
CA LEU A 5 5.26 18.06 5.75
C LEU A 5 6.30 18.95 5.07
N PHE A 6 5.90 19.58 3.95
CA PHE A 6 6.79 20.48 3.19
C PHE A 6 8.05 19.74 2.71
N TYR A 7 7.85 18.61 2.05
CA TYR A 7 8.95 17.79 1.55
C TYR A 7 8.52 17.03 0.30
N THR A 8 9.44 16.84 -0.64
CA THR A 8 9.15 16.11 -1.89
C THR A 8 8.99 14.60 -1.67
N ILE A 9 8.24 14.23 -0.63
CA ILE A 9 7.98 12.83 -0.32
C ILE A 9 6.96 12.23 -1.31
N ASN A 10 6.09 13.10 -1.82
CA ASN A 10 5.04 12.71 -2.78
C ASN A 10 4.09 11.66 -2.19
N LEU A 11 3.81 11.79 -0.89
CA LEU A 11 2.90 10.90 -0.17
C LEU A 11 3.27 9.40 -0.32
N ILE A 12 4.56 9.08 -0.15
CA ILE A 12 5.01 7.71 -0.26
C ILE A 12 4.45 6.84 0.87
N ILE A 13 4.47 7.35 2.11
CA ILE A 13 3.97 6.63 3.28
C ILE A 13 2.50 6.16 3.07
N PRO A 14 1.53 7.07 2.90
CA PRO A 14 0.14 6.67 2.66
C PRO A 14 0.00 5.74 1.46
N CYS A 15 0.76 6.02 0.40
CA CYS A 15 0.76 5.20 -0.81
C CYS A 15 1.20 3.76 -0.52
N VAL A 16 2.34 3.60 0.16
CA VAL A 16 2.84 2.27 0.49
C VAL A 16 1.88 1.54 1.46
N LEU A 17 1.36 2.25 2.46
CA LEU A 17 0.42 1.65 3.40
C LEU A 17 -0.83 1.14 2.67
N ILE A 18 -1.44 2.01 1.86
CA ILE A 18 -2.62 1.63 1.08
C ILE A 18 -2.31 0.47 0.14
N THR A 19 -1.16 0.55 -0.53
CA THR A 19 -0.73 -0.52 -1.44
C THR A 19 -0.56 -1.84 -0.69
N SER A 20 0.07 -1.78 0.48
CA SER A 20 0.28 -2.97 1.31
C SER A 20 -1.06 -3.58 1.73
N LEU A 21 -1.96 -2.74 2.24
CA LEU A 21 -3.29 -3.20 2.65
C LEU A 21 -4.05 -3.79 1.46
N ALA A 22 -3.97 -3.11 0.31
CA ALA A 22 -4.64 -3.61 -0.89
C ALA A 22 -4.12 -4.98 -1.25
N ILE A 23 -2.82 -5.11 -1.47
CA ILE A 23 -2.21 -6.41 -1.81
C ILE A 23 -2.52 -7.46 -0.73
N LEU A 24 -2.55 -7.05 0.54
CA LEU A 24 -2.87 -7.97 1.63
C LEU A 24 -4.29 -8.55 1.44
N VAL A 25 -5.24 -7.67 1.09
CA VAL A 25 -6.62 -8.08 0.85
C VAL A 25 -6.78 -8.73 -0.54
N PHE A 26 -6.22 -8.04 -1.53
CA PHE A 26 -6.25 -8.46 -2.94
C PHE A 26 -5.57 -9.81 -3.17
N TYR A 27 -4.37 -9.96 -2.63
CA TYR A 27 -3.60 -11.19 -2.77
C TYR A 27 -3.81 -12.10 -1.55
N LEU A 28 -5.08 -12.29 -1.16
CA LEU A 28 -5.41 -13.12 -0.01
C LEU A 28 -4.94 -14.57 -0.18
N PRO A 29 -4.26 -15.12 0.85
CA PRO A 29 -3.75 -16.50 0.82
C PRO A 29 -4.86 -17.55 0.99
N SER A 30 -5.65 -17.77 -0.07
CA SER A 30 -6.74 -18.74 -0.02
C SER A 30 -7.09 -19.23 -1.42
N ASP A 31 -7.15 -20.56 -1.58
CA ASP A 31 -7.46 -21.18 -2.87
C ASP A 31 -8.90 -20.85 -3.31
N CYS A 32 -9.02 -20.27 -4.51
CA CYS A 32 -10.32 -19.89 -5.08
C CYS A 32 -11.08 -18.93 -4.14
N GLY A 33 -10.35 -17.94 -3.62
CA GLY A 33 -10.93 -16.97 -2.70
C GLY A 33 -11.92 -16.01 -3.35
N GLU A 34 -11.79 -15.82 -4.67
CA GLU A 34 -12.67 -14.89 -5.40
C GLU A 34 -14.13 -15.42 -5.44
N LYS A 35 -14.29 -16.73 -5.61
CA LYS A 35 -15.60 -17.35 -5.66
C LYS A 35 -16.20 -17.52 -4.26
N ARG A 1 1.41 4.73 -16.34
CA ARG A 1 0.58 4.58 -15.13
C ARG A 1 1.24 5.25 -13.92
N ARG A 2 0.44 5.85 -13.05
CA ARG A 2 0.96 6.51 -11.85
C ARG A 2 0.05 6.31 -10.64
N LYS A 3 0.65 6.10 -9.47
CA LYS A 3 -0.12 5.89 -8.24
C LYS A 3 -0.84 7.17 -7.81
N PRO A 4 -2.13 7.06 -7.41
CA PRO A 4 -2.93 8.22 -6.98
C PRO A 4 -2.52 8.76 -5.60
N LEU A 5 -1.26 8.57 -5.27
CA LEU A 5 -0.67 9.02 -4.01
C LEU A 5 0.84 9.14 -4.14
N PHE A 6 1.29 9.39 -5.36
CA PHE A 6 2.72 9.54 -5.65
C PHE A 6 3.07 11.01 -5.90
N TYR A 7 2.72 11.86 -4.95
CA TYR A 7 2.97 13.29 -5.06
C TYR A 7 4.42 13.64 -4.71
N THR A 8 4.92 13.05 -3.63
CA THR A 8 6.29 13.31 -3.18
C THR A 8 6.71 12.32 -2.08
N ILE A 9 7.75 12.65 -1.33
CA ILE A 9 8.26 11.79 -0.26
C ILE A 9 7.21 11.59 0.85
N ASN A 10 6.59 12.67 1.29
CA ASN A 10 5.58 12.62 2.35
C ASN A 10 4.40 11.70 1.97
N LEU A 11 4.00 11.76 0.70
CA LEU A 11 2.89 10.95 0.19
C LEU A 11 3.26 9.48 0.01
N ILE A 12 4.55 9.16 0.03
CA ILE A 12 5.03 7.80 -0.12
C ILE A 12 4.49 6.88 0.98
N ILE A 13 4.41 7.40 2.21
CA ILE A 13 3.91 6.62 3.35
C ILE A 13 2.48 6.13 3.10
N PRO A 14 1.47 7.03 2.94
CA PRO A 14 0.09 6.60 2.68
C PRO A 14 -0.01 5.70 1.44
N CYS A 15 0.79 6.01 0.42
CA CYS A 15 0.80 5.22 -0.81
C CYS A 15 1.24 3.77 -0.54
N VAL A 16 2.39 3.60 0.10
CA VAL A 16 2.87 2.25 0.41
C VAL A 16 1.91 1.54 1.37
N LEU A 17 1.36 2.28 2.33
CA LEU A 17 0.40 1.72 3.28
C LEU A 17 -0.85 1.19 2.57
N ILE A 18 -1.49 2.02 1.74
CA ILE A 18 -2.68 1.59 1.01
C ILE A 18 -2.34 0.46 0.04
N THR A 19 -1.13 0.51 -0.53
CA THR A 19 -0.69 -0.55 -1.45
C THR A 19 -0.53 -1.87 -0.71
N SER A 20 0.15 -1.82 0.44
CA SER A 20 0.36 -3.01 1.27
C SER A 20 -0.98 -3.60 1.71
N LEU A 21 -1.87 -2.74 2.20
CA LEU A 21 -3.20 -3.17 2.63
C LEU A 21 -3.98 -3.78 1.46
N ALA A 22 -3.94 -3.11 0.31
CA ALA A 22 -4.64 -3.61 -0.87
C ALA A 22 -4.14 -4.99 -1.24
N ILE A 23 -2.83 -5.13 -1.46
CA ILE A 23 -2.25 -6.43 -1.80
C ILE A 23 -2.56 -7.46 -0.73
N LEU A 24 -2.57 -7.06 0.55
CA LEU A 24 -2.89 -7.98 1.64
C LEU A 24 -4.31 -8.53 1.46
N VAL A 25 -5.25 -7.65 1.14
CA VAL A 25 -6.65 -8.04 0.91
C VAL A 25 -6.84 -8.71 -0.46
N PHE A 26 -6.26 -8.07 -1.48
CA PHE A 26 -6.31 -8.50 -2.87
C PHE A 26 -5.64 -9.85 -3.10
N TYR A 27 -4.41 -9.98 -2.62
CA TYR A 27 -3.65 -11.22 -2.76
C TYR A 27 -3.83 -12.12 -1.53
N LEU A 28 -5.09 -12.30 -1.12
CA LEU A 28 -5.41 -13.12 0.04
C LEU A 28 -5.04 -14.60 -0.17
N PRO A 29 -4.36 -15.21 0.81
CA PRO A 29 -3.94 -16.62 0.74
C PRO A 29 -5.12 -17.60 0.89
N SER A 30 -6.10 -17.50 0.00
CA SER A 30 -7.28 -18.35 0.03
C SER A 30 -7.06 -19.66 -0.74
N ASP A 31 -5.99 -19.72 -1.53
CA ASP A 31 -5.69 -20.92 -2.30
C ASP A 31 -5.26 -22.08 -1.40
N CYS A 32 -5.90 -23.24 -1.59
CA CYS A 32 -5.59 -24.42 -0.80
C CYS A 32 -5.59 -25.69 -1.65
N GLY A 33 -4.65 -26.56 -1.35
CA GLY A 33 -4.50 -27.82 -2.08
C GLY A 33 -3.22 -28.51 -1.68
N GLU A 34 -2.15 -27.72 -1.66
CA GLU A 34 -0.84 -28.18 -1.25
C GLU A 34 -0.64 -27.90 0.24
N LYS A 35 -1.16 -26.75 0.67
CA LYS A 35 -1.08 -26.33 2.06
C LYS A 35 -2.48 -26.31 2.72
N ARG A 1 11.04 23.68 9.53
CA ARG A 1 10.83 22.50 10.40
C ARG A 1 9.37 22.07 10.42
N ARG A 2 9.14 20.76 10.60
CA ARG A 2 7.79 20.20 10.64
C ARG A 2 7.01 20.48 9.36
N LYS A 3 7.71 20.41 8.21
CA LYS A 3 7.12 20.67 6.89
C LYS A 3 6.70 22.13 6.73
N PRO A 4 7.29 22.85 5.75
CA PRO A 4 6.96 24.26 5.51
C PRO A 4 5.47 24.47 5.23
N LEU A 5 4.78 25.07 6.20
CA LEU A 5 3.33 25.32 6.11
C LEU A 5 2.56 24.03 5.80
N PHE A 6 3.11 22.90 6.25
CA PHE A 6 2.50 21.57 6.03
C PHE A 6 2.25 21.30 4.54
N TYR A 7 3.12 21.85 3.69
CA TYR A 7 2.98 21.67 2.24
C TYR A 7 3.68 20.40 1.76
N THR A 8 4.89 20.17 2.26
CA THR A 8 5.67 18.98 1.88
C THR A 8 5.14 17.70 2.51
N ILE A 9 3.92 17.34 2.16
CA ILE A 9 3.27 16.13 2.68
C ILE A 9 3.84 14.86 2.03
N ASN A 10 4.31 13.92 2.84
CA ASN A 10 4.86 12.66 2.33
C ASN A 10 3.75 11.79 1.75
N LEU A 11 3.75 11.64 0.43
CA LEU A 11 2.75 10.83 -0.26
C LEU A 11 3.17 9.35 -0.32
N ILE A 12 4.47 9.11 -0.15
CA ILE A 12 5.02 7.77 -0.20
C ILE A 12 4.45 6.87 0.90
N ILE A 13 4.46 7.35 2.15
CA ILE A 13 3.95 6.56 3.29
C ILE A 13 2.51 6.08 3.06
N PRO A 14 1.53 7.00 2.87
CA PRO A 14 0.13 6.61 2.62
C PRO A 14 0.02 5.67 1.41
N CYS A 15 0.79 5.98 0.35
CA CYS A 15 0.80 5.15 -0.85
C CYS A 15 1.25 3.73 -0.52
N VAL A 16 2.36 3.60 0.20
CA VAL A 16 2.88 2.31 0.59
C VAL A 16 1.87 1.57 1.48
N LEU A 17 1.31 2.27 2.47
CA LEU A 17 0.33 1.67 3.37
C LEU A 17 -0.91 1.18 2.62
N ILE A 18 -1.51 2.04 1.79
CA ILE A 18 -2.70 1.64 1.04
C ILE A 18 -2.36 0.50 0.06
N THR A 19 -1.16 0.55 -0.54
CA THR A 19 -0.73 -0.51 -1.46
C THR A 19 -0.56 -1.82 -0.71
N SER A 20 0.11 -1.76 0.44
CA SER A 20 0.34 -2.94 1.27
C SER A 20 -1.00 -3.56 1.71
N LEU A 21 -1.88 -2.74 2.27
CA LEU A 21 -3.20 -3.20 2.68
C LEU A 21 -3.96 -3.80 1.50
N ALA A 22 -3.95 -3.11 0.36
CA ALA A 22 -4.63 -3.61 -0.83
C ALA A 22 -4.11 -4.98 -1.21
N ILE A 23 -2.81 -5.11 -1.42
CA ILE A 23 -2.21 -6.40 -1.77
C ILE A 23 -2.54 -7.47 -0.72
N LEU A 24 -2.53 -7.10 0.57
CA LEU A 24 -2.87 -8.05 1.63
C LEU A 24 -4.30 -8.59 1.43
N VAL A 25 -5.23 -7.68 1.10
CA VAL A 25 -6.63 -8.07 0.87
C VAL A 25 -6.82 -8.68 -0.53
N PHE A 26 -6.23 -8.02 -1.52
CA PHE A 26 -6.30 -8.40 -2.93
C PHE A 26 -5.64 -9.75 -3.22
N TYR A 27 -4.37 -9.88 -2.86
CA TYR A 27 -3.62 -11.10 -3.08
C TYR A 27 -3.93 -12.16 -2.01
N LEU A 28 -4.15 -11.69 -0.78
CA LEU A 28 -4.47 -12.55 0.35
C LEU A 28 -3.38 -13.63 0.58
N PRO A 29 -2.14 -13.20 0.93
CA PRO A 29 -1.02 -14.12 1.17
C PRO A 29 -1.16 -14.90 2.48
N SER A 30 -2.30 -15.57 2.65
CA SER A 30 -2.57 -16.36 3.85
C SER A 30 -1.73 -17.65 3.87
N ASP A 31 -1.70 -18.33 2.73
CA ASP A 31 -0.96 -19.58 2.61
C ASP A 31 -0.25 -19.67 1.26
N CYS A 32 1.00 -20.15 1.28
CA CYS A 32 1.78 -20.27 0.04
C CYS A 32 2.81 -21.40 0.11
N GLY A 33 3.41 -21.59 1.29
CA GLY A 33 4.41 -22.63 1.47
C GLY A 33 5.08 -22.53 2.83
N GLU A 34 4.27 -22.23 3.83
CA GLU A 34 4.75 -22.07 5.20
C GLU A 34 3.76 -22.65 6.23
N LYS A 35 4.01 -22.34 7.51
CA LYS A 35 3.17 -22.80 8.63
C LYS A 35 3.10 -24.33 8.71
N ARG A 1 14.37 18.68 8.10
CA ARG A 1 13.72 17.48 7.50
C ARG A 1 14.08 17.30 6.02
N ARG A 2 13.86 18.36 5.24
CA ARG A 2 14.14 18.35 3.79
C ARG A 2 13.31 17.28 3.07
N LYS A 3 13.84 16.75 1.97
CA LYS A 3 13.16 15.71 1.20
C LYS A 3 14.05 15.09 0.11
N PRO A 4 15.20 14.48 0.49
CA PRO A 4 16.11 13.86 -0.47
C PRO A 4 15.47 12.66 -1.17
N LEU A 5 15.18 12.82 -2.47
CA LEU A 5 14.54 11.75 -3.26
C LEU A 5 13.20 11.31 -2.64
N PHE A 6 12.43 12.28 -2.15
CA PHE A 6 11.13 12.02 -1.52
C PHE A 6 11.25 11.17 -0.23
N TYR A 7 12.31 11.44 0.54
CA TYR A 7 12.54 10.71 1.79
C TYR A 7 11.62 11.21 2.90
N THR A 8 10.91 10.27 3.54
CA THR A 8 9.98 10.56 4.65
C THR A 8 8.95 11.65 4.30
N ILE A 9 8.46 11.63 3.06
CA ILE A 9 7.48 12.61 2.61
C ILE A 9 6.06 12.10 2.84
N ASN A 10 5.12 13.01 3.16
CA ASN A 10 3.73 12.64 3.40
C ASN A 10 3.00 12.28 2.09
N LEU A 11 3.61 11.40 1.32
CA LEU A 11 3.05 10.96 0.04
C LEU A 11 3.37 9.48 -0.18
N ILE A 12 4.65 9.12 0.02
CA ILE A 12 5.08 7.74 -0.14
C ILE A 12 4.51 6.85 0.98
N ILE A 13 4.41 7.39 2.19
CA ILE A 13 3.87 6.65 3.34
C ILE A 13 2.44 6.15 3.07
N PRO A 14 1.44 7.06 2.86
CA PRO A 14 0.07 6.65 2.57
C PRO A 14 -0.01 5.70 1.37
N CYS A 15 0.78 6.01 0.34
CA CYS A 15 0.82 5.18 -0.87
C CYS A 15 1.25 3.74 -0.57
N VAL A 16 2.38 3.57 0.12
CA VAL A 16 2.87 2.23 0.46
C VAL A 16 1.90 1.52 1.41
N LEU A 17 1.36 2.24 2.40
CA LEU A 17 0.42 1.63 3.35
C LEU A 17 -0.84 1.14 2.62
N ILE A 18 -1.46 2.01 1.82
CA ILE A 18 -2.65 1.64 1.07
C ILE A 18 -2.34 0.47 0.11
N THR A 19 -1.20 0.56 -0.58
CA THR A 19 -0.78 -0.49 -1.51
C THR A 19 -0.60 -1.81 -0.76
N SER A 20 0.10 -1.77 0.37
CA SER A 20 0.33 -2.97 1.19
C SER A 20 -0.99 -3.58 1.64
N LEU A 21 -1.85 -2.75 2.25
CA LEU A 21 -3.16 -3.22 2.70
C LEU A 21 -3.97 -3.80 1.55
N ALA A 22 -3.99 -3.09 0.42
CA ALA A 22 -4.71 -3.57 -0.76
C ALA A 22 -4.20 -4.93 -1.16
N ILE A 23 -2.90 -5.06 -1.38
CA ILE A 23 -2.30 -6.35 -1.74
C ILE A 23 -2.66 -7.43 -0.71
N LEU A 24 -2.55 -7.12 0.58
CA LEU A 24 -2.90 -8.07 1.63
C LEU A 24 -4.33 -8.59 1.45
N VAL A 25 -5.24 -7.69 1.09
CA VAL A 25 -6.64 -8.05 0.86
C VAL A 25 -6.84 -8.64 -0.55
N PHE A 26 -6.10 -8.10 -1.50
CA PHE A 26 -6.16 -8.48 -2.91
C PHE A 26 -5.48 -9.82 -3.20
N TYR A 27 -4.47 -9.75 -4.09
CA TYR A 27 -3.66 -10.88 -4.58
C TYR A 27 -4.32 -12.27 -4.45
N LEU A 28 -5.58 -12.35 -4.87
CA LEU A 28 -6.32 -13.61 -4.82
C LEU A 28 -5.74 -14.63 -5.79
N PRO A 29 -5.47 -15.86 -5.32
CA PRO A 29 -4.91 -16.93 -6.16
C PRO A 29 -5.90 -17.50 -7.17
N SER A 30 -6.58 -16.62 -7.91
CA SER A 30 -7.55 -17.03 -8.92
C SER A 30 -6.85 -17.46 -10.21
N ASP A 31 -5.91 -18.39 -10.09
CA ASP A 31 -5.16 -18.88 -11.24
C ASP A 31 -5.93 -20.00 -11.96
N CYS A 32 -5.93 -19.92 -13.29
CA CYS A 32 -6.60 -20.91 -14.12
C CYS A 32 -5.70 -22.14 -14.36
N GLY A 33 -4.41 -22.00 -14.04
CA GLY A 33 -3.46 -23.10 -14.24
C GLY A 33 -3.57 -24.22 -13.21
N GLU A 34 -4.78 -24.76 -13.04
CA GLU A 34 -5.04 -25.86 -12.10
C GLU A 34 -4.72 -25.47 -10.64
N LYS A 35 -4.34 -26.47 -9.84
CA LYS A 35 -4.01 -26.26 -8.43
C LYS A 35 -3.42 -27.53 -7.80
#